data_8APZ
#
_entry.id   8APZ
#
_cell.length_a   133.250
_cell.length_b   41.801
_cell.length_c   133.996
_cell.angle_alpha   90.000
_cell.angle_beta   94.080
_cell.angle_gamma   90.000
#
_symmetry.space_group_name_H-M   'I 1 2 1'
#
loop_
_entity.id
_entity.type
_entity.pdbx_description
1 polymer 'N-carbamoyl-L-amino-acid hydrolase'
2 non-polymer 'ZINC ION'
3 non-polymer 'FE (III) ION'
4 non-polymer D-ORNITHINE
5 non-polymer 'ACETATE ION'
6 non-polymer GLYCEROL
7 water water
#
_entity_poly.entity_id   1
_entity_poly.type   'polypeptide(L)'
_entity_poly.pdbx_seq_one_letter_code
;MGSSHHHHHHGSGLVPRGSAGMAAPGENRRVNADRLWDSLMEMAKIGPGVAGGNNRQTLTDADGEGRRLFQSWCEEAGLS
MGVDKMGTMFLTRPGTDPDALPVHIGSHLDTQPTGGKFDGVLGVLSGLEAVRTMNDLGIKTKHPIVVTNWTNEEGARFAP
AMLASGVFAGVHTLEYAYARKDPEGKSFGDELKRIGWLGDEEVGARKMHAYFEYHIEQGPILEAENKQIGVVTHCQGLWW
LEFTLTGREAHTGSTPMDMRVNAGLAMARILEMVQTVAMENQPGAVGGVGQMFFSPNSRNVLPGKVVFTVDIRSPDQAKL
DGMRARIEAEAPKICERLGVGCSIEAVGHFDPVTFDPKLVETVRGAAEKLGYSHMNLVSGAGHDACWAAKVAPTTMIMCP
CVGGLSHNEAEDISREWAAAGADVLFHAVLETAEIVE
;
_entity_poly.pdbx_strand_id   A,B
#
loop_
_chem_comp.id
_chem_comp.type
_chem_comp.name
_chem_comp.formula
ACT non-polymer 'ACETATE ION' 'C2 H3 O2 -1'
FE non-polymer 'FE (III) ION' 'Fe 3'
GOL non-polymer GLYCEROL 'C3 H8 O3'
ZN non-polymer 'ZINC ION' 'Zn 2'
#
# COMPACT_ATOMS: atom_id res chain seq x y z
N GLY A 26 44.41 -7.67 26.53
CA GLY A 26 44.49 -9.03 26.01
C GLY A 26 43.62 -9.91 26.90
N GLU A 27 44.26 -10.53 27.91
CA GLU A 27 43.64 -10.81 29.18
C GLU A 27 42.68 -9.68 29.52
N ASN A 28 43.21 -8.47 29.85
CA ASN A 28 42.50 -7.57 30.75
C ASN A 28 42.05 -6.26 30.11
N ARG A 29 42.32 -6.02 28.82
CA ARG A 29 41.89 -4.79 28.16
C ARG A 29 40.54 -5.07 27.49
N ARG A 30 39.47 -4.59 28.14
CA ARG A 30 38.11 -4.91 27.72
C ARG A 30 37.28 -3.64 27.71
N VAL A 31 36.22 -3.63 26.91
CA VAL A 31 35.42 -2.44 26.82
C VAL A 31 34.56 -2.32 28.07
N ASN A 32 33.98 -1.13 28.24
CA ASN A 32 33.06 -0.90 29.35
C ASN A 32 31.66 -1.31 28.89
N ALA A 33 31.20 -2.49 29.35
CA ALA A 33 29.92 -3.06 28.94
C ALA A 33 28.76 -2.14 29.27
N ASP A 34 28.83 -1.49 30.43
CA ASP A 34 27.75 -0.65 30.93
C ASP A 34 27.66 0.64 30.14
N ARG A 35 28.82 1.23 29.80
CA ARG A 35 28.86 2.45 29.03
C ARG A 35 28.32 2.19 27.62
N LEU A 36 28.69 1.03 27.05
CA LEU A 36 28.16 0.68 25.76
C LEU A 36 26.65 0.51 25.83
N TRP A 37 26.18 -0.23 26.84
CA TRP A 37 24.77 -0.52 26.97
C TRP A 37 23.98 0.78 27.14
N ASP A 38 24.46 1.66 28.03
CA ASP A 38 23.82 2.95 28.24
C ASP A 38 23.68 3.72 26.93
N SER A 39 24.74 3.72 26.10
CA SER A 39 24.70 4.44 24.84
C SER A 39 23.63 3.86 23.92
N LEU A 40 23.53 2.51 23.86
CA LEU A 40 22.46 1.90 23.09
C LEU A 40 21.08 2.30 23.60
N MET A 41 20.88 2.34 24.93
CA MET A 41 19.58 2.66 25.49
C MET A 41 19.24 4.14 25.27
N GLU A 42 20.26 5.01 25.26
CA GLU A 42 20.04 6.44 25.06
C GLU A 42 19.68 6.72 23.59
N MET A 43 20.41 6.08 22.68
CA MET A 43 20.14 6.26 21.25
C MET A 43 18.74 5.71 20.92
N ALA A 44 18.32 4.65 21.61
CA ALA A 44 17.01 4.03 21.38
C ALA A 44 15.86 4.99 21.71
N LYS A 45 16.13 6.04 22.49
CA LYS A 45 15.12 7.01 22.83
C LYS A 45 14.84 7.95 21.64
N ILE A 46 15.75 7.98 20.67
CA ILE A 46 15.57 8.85 19.51
C ILE A 46 14.85 8.09 18.39
N GLY A 47 13.69 8.64 17.98
CA GLY A 47 12.90 7.99 16.97
C GLY A 47 12.41 6.64 17.44
N PRO A 48 11.68 6.60 18.59
CA PRO A 48 11.19 5.36 19.15
C PRO A 48 10.11 4.79 18.23
N GLY A 49 10.02 3.46 18.15
CA GLY A 49 8.89 2.84 17.48
C GLY A 49 7.71 2.69 18.45
N VAL A 50 6.83 1.74 18.20
CA VAL A 50 5.63 1.60 18.99
C VAL A 50 5.76 0.42 19.96
N ALA A 51 6.92 -0.26 19.99
CA ALA A 51 7.04 -1.49 20.77
C ALA A 51 8.46 -1.66 21.33
N GLY A 52 9.10 -0.55 21.73
CA GLY A 52 10.37 -0.61 22.43
C GLY A 52 11.58 -0.61 21.49
N GLY A 53 11.33 -0.62 20.17
CA GLY A 53 12.38 -0.50 19.17
C GLY A 53 12.42 0.90 18.59
N ASN A 54 12.74 1.01 17.30
CA ASN A 54 12.99 2.30 16.69
C ASN A 54 12.34 2.40 15.32
N ASN A 55 11.87 3.61 15.02
CA ASN A 55 11.45 4.00 13.70
C ASN A 55 12.23 5.27 13.42
N ARG A 56 13.51 5.11 13.12
CA ARG A 56 14.40 6.23 12.90
C ARG A 56 14.98 6.08 11.49
N GLN A 57 14.13 6.34 10.51
CA GLN A 57 14.50 6.04 9.14
C GLN A 57 15.44 7.12 8.59
N THR A 58 16.17 6.72 7.55
CA THR A 58 17.19 7.59 7.01
C THR A 58 16.56 8.92 6.59
N LEU A 59 17.24 10.02 6.97
CA LEU A 59 16.94 11.37 6.49
C LEU A 59 15.58 11.85 6.97
N THR A 60 15.12 11.28 8.09
CA THR A 60 14.03 11.86 8.85
C THR A 60 14.64 12.80 9.90
N ASP A 61 13.78 13.63 10.49
CA ASP A 61 14.22 14.49 11.57
C ASP A 61 14.81 13.65 12.71
N ALA A 62 14.25 12.46 12.98
CA ALA A 62 14.77 11.61 14.05
C ALA A 62 16.17 11.12 13.68
N ASP A 63 16.42 10.83 12.40
CA ASP A 63 17.76 10.51 11.96
C ASP A 63 18.70 11.68 12.27
N GLY A 64 18.27 12.90 11.95
CA GLY A 64 19.02 14.11 12.28
C GLY A 64 19.43 14.16 13.75
N GLU A 65 18.46 13.88 14.63
CA GLU A 65 18.69 13.95 16.06
C GLU A 65 19.67 12.87 16.48
N GLY A 66 19.52 11.65 15.95
CA GLY A 66 20.42 10.56 16.27
C GLY A 66 21.86 10.88 15.84
N ARG A 67 21.98 11.41 14.63
CA ARG A 67 23.29 11.78 14.11
C ARG A 67 23.92 12.84 15.02
N ARG A 68 23.13 13.82 15.46
CA ARG A 68 23.63 14.92 16.29
C ARG A 68 24.08 14.38 17.64
N LEU A 69 23.33 13.43 18.21
CA LEU A 69 23.67 12.84 19.49
C LEU A 69 24.98 12.06 19.34
N PHE A 70 25.07 11.25 18.29
CA PHE A 70 26.26 10.49 18.01
C PHE A 70 27.46 11.44 17.86
N GLN A 71 27.29 12.48 17.05
CA GLN A 71 28.34 13.46 16.84
C GLN A 71 28.82 14.03 18.19
N SER A 72 27.88 14.43 19.06
CA SER A 72 28.28 15.07 20.29
C SER A 72 29.06 14.08 21.17
N TRP A 73 28.64 12.81 21.24
CA TRP A 73 29.40 11.82 21.99
C TRP A 73 30.81 11.64 21.47
N CYS A 74 30.91 11.53 20.14
CA CYS A 74 32.20 11.34 19.47
C CYS A 74 33.10 12.54 19.74
N GLU A 75 32.54 13.74 19.66
CA GLU A 75 33.33 14.95 19.87
C GLU A 75 33.82 14.99 21.32
N GLU A 76 32.99 14.56 22.29
CA GLU A 76 33.43 14.46 23.67
C GLU A 76 34.53 13.42 23.85
N ALA A 77 34.60 12.41 22.98
CA ALA A 77 35.65 11.39 23.05
C ALA A 77 36.88 11.82 22.25
N GLY A 78 36.89 13.05 21.72
CA GLY A 78 38.08 13.57 21.08
C GLY A 78 38.12 13.34 19.57
N LEU A 79 37.04 12.81 18.98
CA LEU A 79 37.05 12.49 17.56
C LEU A 79 36.68 13.70 16.70
N SER A 80 37.32 13.82 15.53
CA SER A 80 37.02 14.92 14.61
C SER A 80 36.16 14.41 13.48
N MET A 81 35.21 15.22 13.04
CA MET A 81 34.17 14.76 12.14
C MET A 81 34.41 15.29 10.74
N GLY A 82 34.29 14.39 9.78
CA GLY A 82 34.06 14.76 8.39
C GLY A 82 32.78 14.13 7.89
N VAL A 83 32.14 14.78 6.94
CA VAL A 83 30.89 14.30 6.38
C VAL A 83 31.00 14.43 4.86
N ASP A 84 30.57 13.38 4.15
CA ASP A 84 30.65 13.40 2.69
C ASP A 84 29.30 13.85 2.11
N LYS A 85 29.23 13.95 0.78
CA LYS A 85 28.05 14.44 0.09
C LYS A 85 26.89 13.44 0.16
N MET A 86 27.08 12.25 0.77
CA MET A 86 25.99 11.32 0.96
C MET A 86 25.54 11.33 2.43
N GLY A 87 26.13 12.25 3.21
CA GLY A 87 25.81 12.39 4.63
C GLY A 87 26.52 11.37 5.54
N THR A 88 27.41 10.55 4.96
CA THR A 88 28.16 9.60 5.75
C THR A 88 29.06 10.37 6.70
N MET A 89 29.08 9.94 7.96
CA MET A 89 29.82 10.61 9.00
C MET A 89 31.08 9.80 9.31
N PHE A 90 32.22 10.49 9.33
CA PHE A 90 33.50 9.87 9.59
C PHE A 90 34.15 10.55 10.79
N LEU A 91 34.29 9.80 11.89
CA LEU A 91 34.77 10.35 13.14
C LEU A 91 36.13 9.75 13.45
N THR A 92 37.17 10.60 13.33
CA THR A 92 38.56 10.16 13.32
C THR A 92 39.23 10.31 14.67
N ARG A 93 39.90 9.21 15.06
CA ARG A 93 40.86 9.20 16.14
C ARG A 93 42.24 9.12 15.49
N PRO A 94 43.11 10.14 15.63
CA PRO A 94 44.38 10.10 14.92
C PRO A 94 45.27 8.96 15.36
N GLY A 95 46.16 8.57 14.46
CA GLY A 95 47.25 7.69 14.77
C GLY A 95 48.54 8.47 14.96
N THR A 96 49.63 7.74 15.14
CA THR A 96 50.93 8.35 15.38
C THR A 96 51.71 8.53 14.09
N ASP A 97 51.28 7.87 13.02
CA ASP A 97 51.89 7.99 11.71
C ASP A 97 50.97 8.82 10.81
N PRO A 98 51.34 10.07 10.48
CA PRO A 98 50.45 10.93 9.68
C PRO A 98 50.25 10.49 8.22
N ASP A 99 51.03 9.53 7.71
CA ASP A 99 50.81 8.98 6.37
C ASP A 99 50.08 7.63 6.40
N ALA A 100 49.80 7.06 7.57
CA ALA A 100 49.11 5.78 7.65
C ALA A 100 47.62 5.96 7.33
N LEU A 101 47.06 5.04 6.54
CA LEU A 101 45.65 5.11 6.21
C LEU A 101 44.83 4.63 7.40
N PRO A 102 43.57 5.09 7.53
CA PRO A 102 42.73 4.69 8.64
C PRO A 102 42.15 3.28 8.59
N VAL A 103 42.01 2.71 9.78
CA VAL A 103 41.19 1.55 10.03
C VAL A 103 39.80 2.04 10.40
N HIS A 104 38.81 1.64 9.60
CA HIS A 104 37.45 2.07 9.83
C HIS A 104 36.71 1.01 10.65
N ILE A 105 35.83 1.53 11.51
CA ILE A 105 34.82 0.76 12.19
C ILE A 105 33.50 1.39 11.74
N GLY A 106 32.70 0.64 10.99
CA GLY A 106 31.50 1.20 10.43
C GLY A 106 30.25 0.38 10.70
N SER A 107 29.11 1.10 10.71
CA SER A 107 27.79 0.53 10.56
C SER A 107 26.81 1.67 10.26
N HIS A 108 25.56 1.59 10.75
CA HIS A 108 24.54 2.57 10.37
C HIS A 108 23.67 2.90 11.58
N LEU A 109 23.27 4.16 11.72
CA LEU A 109 22.30 4.52 12.75
C LEU A 109 20.86 4.57 12.24
N ASP A 110 20.64 4.52 10.91
CA ASP A 110 19.28 4.52 10.39
C ASP A 110 18.69 3.13 10.58
N THR A 111 17.36 3.09 10.80
CA THR A 111 16.64 1.88 11.10
C THR A 111 15.50 1.65 10.11
N GLN A 112 14.99 0.42 10.16
CA GLN A 112 13.72 0.10 9.51
C GLN A 112 12.59 0.85 10.22
N PRO A 113 11.39 0.91 9.61
CA PRO A 113 10.19 1.37 10.31
C PRO A 113 9.86 0.56 11.56
N THR A 114 10.20 -0.74 11.53
CA THR A 114 10.01 -1.65 12.63
C THR A 114 11.40 -2.09 13.09
N GLY A 115 12.28 -1.12 13.33
CA GLY A 115 13.66 -1.44 13.61
C GLY A 115 13.87 -1.86 15.05
N GLY A 116 14.86 -2.73 15.25
CA GLY A 116 15.39 -3.01 16.57
C GLY A 116 16.33 -1.88 17.03
N LYS A 117 16.68 -1.97 18.30
CA LYS A 117 17.60 -1.03 18.94
C LYS A 117 19.04 -1.37 18.61
N PHE A 118 19.28 -2.52 17.98
CA PHE A 118 20.66 -3.03 17.92
C PHE A 118 21.23 -3.13 16.51
N ASP A 119 20.34 -3.40 15.54
CA ASP A 119 20.73 -3.41 14.14
C ASP A 119 21.35 -2.08 13.77
N GLY A 120 22.60 -2.12 13.31
CA GLY A 120 23.32 -0.95 12.85
C GLY A 120 23.94 -0.17 14.02
N VAL A 121 23.10 0.13 15.01
CA VAL A 121 23.47 0.98 16.12
C VAL A 121 24.61 0.32 16.90
N LEU A 122 24.56 -1.00 17.10
CA LEU A 122 25.58 -1.68 17.89
C LEU A 122 26.96 -1.45 17.31
N GLY A 123 27.08 -1.53 15.97
CA GLY A 123 28.37 -1.41 15.32
C GLY A 123 28.95 0.00 15.43
N VAL A 124 28.08 1.01 15.28
CA VAL A 124 28.52 2.39 15.36
C VAL A 124 28.92 2.70 16.78
N LEU A 125 28.05 2.36 17.75
CA LEU A 125 28.30 2.69 19.14
C LEU A 125 29.39 1.81 19.74
N SER A 126 29.60 0.59 19.25
CA SER A 126 30.77 -0.20 19.65
C SER A 126 32.08 0.42 19.15
N GLY A 127 32.05 1.09 17.98
CA GLY A 127 33.15 1.93 17.56
C GLY A 127 33.47 3.04 18.57
N LEU A 128 32.45 3.81 18.96
CA LEU A 128 32.58 4.83 20.00
C LEU A 128 33.15 4.23 21.29
N GLU A 129 32.65 3.05 21.69
CA GLU A 129 33.10 2.45 22.93
C GLU A 129 34.56 2.01 22.80
N ALA A 130 34.95 1.44 21.66
CA ALA A 130 36.34 1.07 21.46
C ALA A 130 37.25 2.29 21.63
N VAL A 131 36.88 3.40 21.02
CA VAL A 131 37.59 4.66 21.14
C VAL A 131 37.65 5.12 22.60
N ARG A 132 36.50 5.09 23.32
CA ARG A 132 36.50 5.54 24.71
C ARG A 132 37.42 4.64 25.54
N THR A 133 37.44 3.34 25.27
CA THR A 133 38.34 2.43 25.97
C THR A 133 39.80 2.75 25.65
N MET A 134 40.11 3.05 24.38
CA MET A 134 41.48 3.38 24.02
C MET A 134 41.92 4.64 24.77
N ASN A 135 40.99 5.60 24.89
CA ASN A 135 41.23 6.85 25.60
C ASN A 135 41.47 6.53 27.07
N ASP A 136 40.61 5.69 27.68
CA ASP A 136 40.74 5.31 29.08
C ASP A 136 42.11 4.68 29.37
N LEU A 137 42.60 3.84 28.45
CA LEU A 137 43.84 3.11 28.63
C LEU A 137 45.07 3.87 28.12
N GLY A 138 44.87 5.06 27.53
CA GLY A 138 45.92 5.86 26.94
C GLY A 138 46.58 5.18 25.74
N ILE A 139 45.79 4.44 24.94
CA ILE A 139 46.35 3.65 23.85
C ILE A 139 46.57 4.55 22.64
N LYS A 140 47.74 4.41 22.01
CA LYS A 140 48.07 5.06 20.75
C LYS A 140 48.20 4.00 19.68
N THR A 141 47.78 4.32 18.46
CA THR A 141 47.89 3.41 17.34
C THR A 141 48.68 4.08 16.22
N LYS A 142 49.29 3.28 15.36
CA LYS A 142 49.98 3.81 14.19
C LYS A 142 48.98 4.40 13.20
N HIS A 143 47.96 3.61 12.88
CA HIS A 143 46.90 3.99 11.97
C HIS A 143 45.83 4.73 12.73
N PRO A 144 45.26 5.79 12.12
CA PRO A 144 44.08 6.42 12.68
C PRO A 144 42.92 5.43 12.61
N ILE A 145 41.96 5.63 13.53
CA ILE A 145 40.73 4.88 13.60
C ILE A 145 39.58 5.81 13.21
N VAL A 146 38.67 5.33 12.37
CA VAL A 146 37.57 6.15 11.91
C VAL A 146 36.27 5.40 12.15
N VAL A 147 35.44 5.94 13.05
CA VAL A 147 34.12 5.38 13.27
C VAL A 147 33.20 5.99 12.21
N THR A 148 32.55 5.11 11.46
CA THR A 148 31.83 5.47 10.25
C THR A 148 30.35 5.18 10.42
N ASN A 149 29.52 6.18 10.16
CA ASN A 149 28.08 6.05 10.16
C ASN A 149 27.58 6.29 8.73
N TRP A 150 27.28 5.20 8.01
CA TRP A 150 26.88 5.26 6.62
C TRP A 150 25.41 5.70 6.54
N THR A 151 25.09 6.56 5.57
CA THR A 151 23.71 6.95 5.33
C THR A 151 22.93 5.82 4.64
N ASN A 152 21.68 5.64 5.06
CA ASN A 152 20.70 4.78 4.39
C ASN A 152 21.27 3.41 4.07
N GLU A 153 21.75 2.71 5.11
CA GLU A 153 22.04 1.31 4.93
C GLU A 153 20.76 0.54 4.66
N GLU A 154 19.62 0.92 5.27
CA GLU A 154 18.53 -0.05 5.41
C GLU A 154 17.79 -0.29 4.09
N GLY A 155 17.70 0.73 3.24
CA GLY A 155 16.98 0.61 1.98
C GLY A 155 15.48 0.37 2.20
N ALA A 156 14.98 0.88 3.34
CA ALA A 156 13.58 0.79 3.73
C ALA A 156 12.82 1.93 3.07
N ARG A 157 13.30 3.15 3.30
CA ARG A 157 12.67 4.34 2.81
C ARG A 157 13.04 4.59 1.33
N PHE A 158 14.33 4.44 1.03
CA PHE A 158 14.88 4.60 -0.32
C PHE A 158 15.66 3.34 -0.64
N ALA A 159 15.37 2.74 -1.80
CA ALA A 159 16.09 1.55 -2.23
C ALA A 159 17.07 2.00 -3.32
N PRO A 160 18.22 1.33 -3.50
CA PRO A 160 18.61 0.14 -2.74
C PRO A 160 19.10 0.41 -1.31
N ALA A 161 19.22 -0.69 -0.55
CA ALA A 161 19.96 -0.69 0.70
C ALA A 161 21.43 -0.33 0.41
N MET A 162 22.15 0.03 1.48
CA MET A 162 23.59 0.21 1.37
C MET A 162 23.90 1.30 0.37
N LEU A 163 23.11 2.36 0.37
CA LEU A 163 23.16 3.32 -0.71
C LEU A 163 24.42 4.18 -0.63
N ALA A 164 24.78 4.70 0.56
CA ALA A 164 25.93 5.57 0.69
C ALA A 164 27.24 4.80 0.54
N SER A 165 27.31 3.60 1.11
CA SER A 165 28.50 2.77 0.96
C SER A 165 28.61 2.34 -0.50
N GLY A 166 27.47 2.23 -1.18
CA GLY A 166 27.43 1.93 -2.61
C GLY A 166 28.06 3.04 -3.46
N VAL A 167 27.71 4.29 -3.14
CA VAL A 167 28.31 5.41 -3.85
C VAL A 167 29.80 5.43 -3.51
N PHE A 168 30.12 5.19 -2.24
CA PHE A 168 31.50 5.17 -1.79
C PHE A 168 32.34 4.20 -2.61
N ALA A 169 31.83 2.98 -2.84
CA ALA A 169 32.61 1.94 -3.49
C ALA A 169 32.49 2.02 -5.02
N GLY A 170 31.84 3.07 -5.54
CA GLY A 170 31.77 3.33 -6.97
C GLY A 170 30.67 2.51 -7.67
N VAL A 171 29.71 1.96 -6.89
CA VAL A 171 28.67 1.11 -7.44
C VAL A 171 27.53 1.98 -7.99
N HIS A 172 27.22 3.08 -7.30
CA HIS A 172 26.17 3.99 -7.69
C HIS A 172 26.78 5.36 -7.89
N THR A 173 26.20 6.12 -8.82
CA THR A 173 26.58 7.52 -8.94
C THR A 173 25.87 8.28 -7.84
N LEU A 174 26.43 9.45 -7.51
CA LEU A 174 25.83 10.35 -6.55
C LEU A 174 24.42 10.73 -7.03
N GLU A 175 24.30 11.00 -8.33
CA GLU A 175 23.04 11.51 -8.87
C GLU A 175 21.99 10.42 -8.87
N TYR A 176 22.36 9.15 -9.09
CA TYR A 176 21.44 8.03 -8.96
C TYR A 176 20.91 7.98 -7.52
N ALA A 177 21.84 8.03 -6.56
CA ALA A 177 21.48 7.98 -5.15
C ALA A 177 20.55 9.15 -4.79
N TYR A 178 20.92 10.38 -5.15
CA TYR A 178 20.11 11.54 -4.82
C TYR A 178 18.69 11.49 -5.42
N ALA A 179 18.54 10.81 -6.56
CA ALA A 179 17.27 10.76 -7.27
C ALA A 179 16.35 9.66 -6.74
N ARG A 180 16.83 8.82 -5.80
CA ARG A 180 15.97 7.81 -5.19
C ARG A 180 14.80 8.49 -4.49
N LYS A 181 13.61 7.89 -4.61
CA LYS A 181 12.41 8.46 -4.04
C LYS A 181 11.80 7.49 -3.02
N ASP A 182 11.19 8.06 -2.00
CA ASP A 182 10.42 7.26 -1.05
C ASP A 182 8.98 7.14 -1.54
N PRO A 183 8.09 6.41 -0.83
CA PRO A 183 6.70 6.24 -1.30
C PRO A 183 5.86 7.53 -1.32
N GLU A 184 6.35 8.60 -0.67
CA GLU A 184 5.70 9.90 -0.74
C GLU A 184 6.26 10.76 -1.88
N GLY A 185 7.18 10.21 -2.68
CA GLY A 185 7.75 10.92 -3.81
C GLY A 185 8.83 11.93 -3.39
N LYS A 186 9.30 11.88 -2.13
CA LYS A 186 10.40 12.74 -1.74
C LYS A 186 11.73 12.10 -2.15
N SER A 187 12.66 12.95 -2.55
CA SER A 187 13.92 12.50 -3.12
C SER A 187 14.99 12.49 -2.03
N PHE A 188 15.88 11.50 -2.14
CA PHE A 188 16.96 11.32 -1.17
C PHE A 188 17.81 12.59 -1.05
N GLY A 189 18.23 13.18 -2.18
CA GLY A 189 19.11 14.34 -2.14
C GLY A 189 18.51 15.54 -1.43
N ASP A 190 17.22 15.81 -1.67
CA ASP A 190 16.54 16.93 -1.04
C ASP A 190 16.39 16.71 0.47
N GLU A 191 16.05 15.46 0.84
CA GLU A 191 15.89 15.11 2.26
C GLU A 191 17.24 15.19 3.00
N LEU A 192 18.35 14.79 2.34
CA LEU A 192 19.66 14.88 2.97
C LEU A 192 19.99 16.33 3.28
N LYS A 193 19.73 17.20 2.30
CA LYS A 193 19.94 18.63 2.44
C LYS A 193 19.03 19.19 3.52
N ARG A 194 17.75 18.77 3.52
CA ARG A 194 16.79 19.30 4.45
C ARG A 194 17.25 19.09 5.91
N ILE A 195 17.68 17.87 6.27
CA ILE A 195 18.01 17.62 7.67
C ILE A 195 19.41 18.14 8.03
N GLY A 196 20.14 18.66 7.06
CA GLY A 196 21.37 19.41 7.30
C GLY A 196 22.61 18.53 7.30
N TRP A 197 22.58 17.40 6.58
CA TRP A 197 23.69 16.44 6.65
C TRP A 197 24.35 16.26 5.29
N LEU A 198 24.07 17.18 4.35
CA LEU A 198 24.82 17.19 3.11
C LEU A 198 26.20 17.75 3.43
N GLY A 199 27.21 16.86 3.43
CA GLY A 199 28.56 17.22 3.79
C GLY A 199 29.30 17.69 2.56
N ASP A 200 30.57 18.04 2.73
CA ASP A 200 31.35 18.64 1.65
C ASP A 200 32.30 17.64 1.00
N GLU A 201 32.61 16.50 1.63
CA GLU A 201 33.65 15.63 1.08
C GLU A 201 33.13 14.87 -0.14
N GLU A 202 34.02 14.66 -1.12
CA GLU A 202 33.71 13.81 -2.27
C GLU A 202 33.49 12.40 -1.74
N VAL A 203 32.44 11.74 -2.22
CA VAL A 203 32.11 10.44 -1.71
C VAL A 203 33.13 9.43 -2.25
N GLY A 204 33.72 8.67 -1.33
CA GLY A 204 34.71 7.68 -1.70
C GLY A 204 36.11 8.26 -1.84
N ALA A 205 36.32 9.53 -1.45
CA ALA A 205 37.65 10.13 -1.52
C ALA A 205 38.58 9.53 -0.47
N ARG A 206 38.01 8.99 0.62
CA ARG A 206 38.79 8.35 1.66
C ARG A 206 39.23 6.94 1.23
N LYS A 207 40.53 6.65 1.37
CA LYS A 207 41.04 5.30 1.26
C LYS A 207 41.20 4.72 2.67
N MET A 208 40.91 3.43 2.80
CA MET A 208 40.90 2.76 4.08
C MET A 208 42.00 1.72 4.08
N HIS A 209 42.72 1.60 5.22
CA HIS A 209 43.67 0.52 5.40
C HIS A 209 42.89 -0.79 5.56
N ALA A 210 41.76 -0.68 6.30
CA ALA A 210 40.95 -1.84 6.61
C ALA A 210 39.61 -1.33 7.10
N TYR A 211 38.60 -2.18 6.98
CA TYR A 211 37.26 -1.88 7.46
C TYR A 211 36.72 -3.05 8.26
N PHE A 212 36.23 -2.74 9.47
CA PHE A 212 35.55 -3.70 10.30
C PHE A 212 34.12 -3.23 10.54
N GLU A 213 33.21 -4.18 10.54
CA GLU A 213 31.83 -3.93 10.94
C GLU A 213 31.38 -5.02 11.90
N TYR A 214 30.98 -4.57 13.08
CA TYR A 214 30.38 -5.39 14.12
C TYR A 214 28.85 -5.22 14.01
N HIS A 215 28.14 -6.35 13.97
CA HIS A 215 26.69 -6.33 13.76
C HIS A 215 26.07 -7.52 14.46
N ILE A 216 24.83 -7.35 14.91
CA ILE A 216 24.10 -8.50 15.41
C ILE A 216 23.93 -9.49 14.26
N GLU A 217 23.77 -10.76 14.61
CA GLU A 217 23.71 -11.81 13.60
C GLU A 217 22.50 -11.65 12.69
N GLN A 218 21.34 -11.27 13.28
CA GLN A 218 20.08 -11.24 12.54
C GLN A 218 19.72 -12.64 12.06
N GLY A 219 20.25 -13.63 12.77
CA GLY A 219 19.92 -15.02 12.52
C GLY A 219 20.09 -15.81 13.80
N PRO A 220 19.60 -17.07 13.84
CA PRO A 220 19.51 -17.79 15.10
C PRO A 220 20.70 -18.66 15.51
N ILE A 221 21.73 -18.71 14.66
CA ILE A 221 22.77 -19.72 14.74
C ILE A 221 23.64 -19.55 15.98
N LEU A 222 24.15 -18.34 16.27
CA LEU A 222 25.07 -18.19 17.39
C LEU A 222 24.35 -18.56 18.68
N GLU A 223 23.11 -18.10 18.81
CA GLU A 223 22.36 -18.39 20.01
C GLU A 223 22.11 -19.89 20.12
N ALA A 224 21.71 -20.52 19.00
CA ALA A 224 21.35 -21.94 19.01
C ALA A 224 22.58 -22.82 19.28
N GLU A 225 23.76 -22.38 18.82
CA GLU A 225 24.99 -23.15 18.92
C GLU A 225 25.78 -22.77 20.17
N ASN A 226 25.24 -21.85 20.98
CA ASN A 226 25.86 -21.45 22.24
C ASN A 226 27.24 -20.86 21.98
N LYS A 227 27.34 -20.00 20.96
CA LYS A 227 28.58 -19.32 20.61
C LYS A 227 28.43 -17.83 20.86
N GLN A 228 29.50 -17.22 21.37
CA GLN A 228 29.46 -15.81 21.73
C GLN A 228 29.76 -14.93 20.51
N ILE A 229 30.65 -15.40 19.62
CA ILE A 229 31.18 -14.56 18.56
C ILE A 229 31.05 -15.24 17.19
N GLY A 230 30.52 -14.50 16.23
CA GLY A 230 30.45 -14.95 14.84
C GLY A 230 31.63 -14.38 14.08
N VAL A 231 32.54 -15.28 13.64
CA VAL A 231 33.63 -14.90 12.79
C VAL A 231 33.09 -14.94 11.37
N VAL A 232 32.71 -13.79 10.86
CA VAL A 232 32.02 -13.70 9.59
C VAL A 232 33.05 -13.85 8.47
N THR A 233 32.83 -14.86 7.61
CA THR A 233 33.78 -15.17 6.56
C THR A 233 33.27 -14.75 5.19
N HIS A 234 31.94 -14.66 5.05
CA HIS A 234 31.29 -14.43 3.78
C HIS A 234 29.96 -13.72 4.06
N CYS A 235 29.39 -13.13 3.00
CA CYS A 235 28.06 -12.58 3.05
C CYS A 235 27.27 -13.08 1.85
N GLN A 236 26.07 -13.59 2.08
CA GLN A 236 25.29 -14.13 0.97
C GLN A 236 24.86 -12.98 0.07
N GLY A 237 24.75 -13.28 -1.22
CA GLY A 237 24.35 -12.34 -2.25
C GLY A 237 22.82 -12.18 -2.31
N LEU A 238 22.40 -11.15 -3.04
CA LEU A 238 20.97 -10.84 -3.15
C LEU A 238 20.65 -10.26 -4.53
N TRP A 239 19.37 -10.42 -4.90
CA TRP A 239 18.71 -9.62 -5.92
C TRP A 239 17.43 -9.10 -5.29
N TRP A 240 17.17 -7.80 -5.45
CA TRP A 240 15.85 -7.24 -5.23
C TRP A 240 15.27 -6.95 -6.61
N LEU A 241 14.23 -7.70 -6.98
CA LEU A 241 13.62 -7.56 -8.30
C LEU A 241 12.28 -6.86 -8.11
N GLU A 242 12.19 -5.65 -8.63
CA GLU A 242 10.92 -4.93 -8.50
C GLU A 242 10.06 -5.21 -9.71
N PHE A 243 8.90 -5.79 -9.42
CA PHE A 243 7.92 -6.08 -10.45
C PHE A 243 6.92 -4.94 -10.56
N THR A 244 6.64 -4.57 -11.79
CA THR A 244 5.51 -3.72 -12.13
C THR A 244 4.57 -4.50 -13.04
N LEU A 245 3.41 -4.85 -12.51
CA LEU A 245 2.40 -5.59 -13.25
C LEU A 245 1.29 -4.61 -13.66
N THR A 246 0.89 -4.72 -14.91
CA THR A 246 -0.12 -3.84 -15.47
C THR A 246 -1.39 -4.64 -15.69
N GLY A 247 -2.44 -4.25 -14.97
CA GLY A 247 -3.76 -4.81 -15.17
C GLY A 247 -4.69 -3.78 -15.82
N ARG A 248 -5.98 -4.05 -15.78
CA ARG A 248 -6.91 -3.08 -16.32
C ARG A 248 -7.88 -2.71 -15.21
N GLU A 249 -7.89 -1.43 -14.82
CA GLU A 249 -8.87 -0.96 -13.87
C GLU A 249 -10.27 -1.29 -14.36
N ALA A 250 -11.08 -1.87 -13.48
CA ALA A 250 -12.41 -2.33 -13.84
C ALA A 250 -13.18 -2.58 -12.57
N HIS A 251 -14.49 -2.50 -12.68
CA HIS A 251 -15.37 -2.67 -11.54
C HIS A 251 -15.36 -4.14 -11.10
N THR A 252 -15.11 -4.34 -9.80
CA THR A 252 -15.01 -5.66 -9.22
C THR A 252 -16.39 -6.34 -9.08
N GLY A 253 -17.47 -5.57 -9.17
CA GLY A 253 -18.81 -6.13 -9.12
C GLY A 253 -19.34 -6.58 -10.48
N SER A 254 -19.29 -5.66 -11.44
CA SER A 254 -20.03 -5.81 -12.68
C SER A 254 -19.19 -6.40 -13.81
N THR A 255 -17.87 -6.51 -13.63
CA THR A 255 -17.03 -7.02 -14.71
C THR A 255 -17.11 -8.56 -14.71
N PRO A 256 -17.58 -9.20 -15.79
CA PRO A 256 -17.53 -10.66 -15.87
C PRO A 256 -16.12 -11.21 -15.61
N MET A 257 -16.03 -12.35 -14.91
CA MET A 257 -14.75 -12.96 -14.60
C MET A 257 -13.88 -13.11 -15.85
N ASP A 258 -14.50 -13.47 -16.99
CA ASP A 258 -13.74 -13.75 -18.22
C ASP A 258 -13.24 -12.47 -18.89
N MET A 259 -13.60 -11.28 -18.39
CA MET A 259 -13.16 -10.04 -19.01
C MET A 259 -12.13 -9.30 -18.14
N ARG A 260 -11.79 -9.90 -17.00
CA ARG A 260 -10.93 -9.24 -16.04
C ARG A 260 -9.47 -9.43 -16.43
N VAL A 261 -8.70 -8.36 -16.25
CA VAL A 261 -7.26 -8.40 -16.39
C VAL A 261 -6.70 -8.12 -15.01
N ASN A 262 -6.41 -9.21 -14.28
CA ASN A 262 -6.26 -9.18 -12.84
C ASN A 262 -4.80 -9.26 -12.43
N ALA A 263 -4.18 -8.08 -12.22
CA ALA A 263 -2.79 -7.97 -11.86
C ALA A 263 -2.59 -8.41 -10.42
N GLY A 264 -3.63 -8.33 -9.60
CA GLY A 264 -3.52 -8.80 -8.22
C GLY A 264 -3.34 -10.31 -8.19
N LEU A 265 -4.13 -11.00 -9.03
CA LEU A 265 -4.04 -12.45 -9.09
C LEU A 265 -2.68 -12.88 -9.68
N ALA A 266 -2.18 -12.14 -10.67
CA ALA A 266 -0.86 -12.41 -11.23
C ALA A 266 0.19 -12.28 -10.12
N MET A 267 0.10 -11.21 -9.32
CA MET A 267 1.01 -11.01 -8.21
C MET A 267 0.93 -12.19 -7.23
N ALA A 268 -0.28 -12.65 -6.91
CA ALA A 268 -0.44 -13.76 -6.00
C ALA A 268 0.28 -15.02 -6.51
N ARG A 269 0.16 -15.28 -7.82
CA ARG A 269 0.77 -16.44 -8.41
C ARG A 269 2.29 -16.25 -8.46
N ILE A 270 2.76 -15.02 -8.65
CA ILE A 270 4.19 -14.76 -8.61
C ILE A 270 4.72 -14.99 -7.21
N LEU A 271 3.99 -14.58 -6.17
CA LEU A 271 4.46 -14.76 -4.80
C LEU A 271 4.56 -16.25 -4.49
N GLU A 272 3.58 -17.01 -4.99
CA GLU A 272 3.56 -18.44 -4.81
C GLU A 272 4.72 -19.10 -5.54
N MET A 273 5.00 -18.64 -6.76
CA MET A 273 6.08 -19.19 -7.55
C MET A 273 7.42 -18.87 -6.88
N VAL A 274 7.59 -17.68 -6.32
CA VAL A 274 8.81 -17.35 -5.61
C VAL A 274 9.01 -18.29 -4.39
N GLN A 275 7.94 -18.55 -3.65
CA GLN A 275 7.98 -19.50 -2.54
C GLN A 275 8.40 -20.89 -3.04
N THR A 276 7.89 -21.33 -4.19
CA THR A 276 8.26 -22.63 -4.74
C THR A 276 9.73 -22.65 -5.10
N VAL A 277 10.18 -21.59 -5.78
CA VAL A 277 11.58 -21.49 -6.15
C VAL A 277 12.44 -21.58 -4.90
N ALA A 278 12.10 -20.82 -3.86
CA ALA A 278 12.87 -20.82 -2.64
C ALA A 278 12.91 -22.21 -2.02
N MET A 279 11.74 -22.88 -1.98
CA MET A 279 11.66 -24.18 -1.31
C MET A 279 12.43 -25.26 -2.09
N GLU A 280 12.48 -25.16 -3.43
CA GLU A 280 13.17 -26.16 -4.22
C GLU A 280 14.68 -25.92 -4.20
N ASN A 281 15.14 -24.84 -3.55
CA ASN A 281 16.56 -24.50 -3.56
C ASN A 281 17.16 -24.58 -2.15
N GLN A 282 16.45 -25.21 -1.21
CA GLN A 282 16.94 -25.38 0.14
C GLN A 282 18.01 -26.47 0.16
N PRO A 283 19.01 -26.43 1.08
CA PRO A 283 19.25 -25.27 1.97
C PRO A 283 19.98 -24.15 1.25
N GLY A 284 20.06 -22.95 1.86
CA GLY A 284 20.92 -21.88 1.41
C GLY A 284 20.27 -21.00 0.35
N ALA A 285 18.96 -20.74 0.53
CA ALA A 285 18.23 -19.86 -0.36
C ALA A 285 17.04 -19.30 0.41
N VAL A 286 16.74 -18.02 0.14
CA VAL A 286 15.53 -17.39 0.61
C VAL A 286 14.93 -16.61 -0.54
N GLY A 287 13.60 -16.50 -0.49
CA GLY A 287 12.84 -15.64 -1.38
C GLY A 287 11.57 -15.19 -0.69
N GLY A 288 11.24 -13.90 -0.83
CA GLY A 288 10.05 -13.36 -0.22
C GLY A 288 9.81 -11.91 -0.62
N VAL A 289 8.68 -11.39 -0.16
CA VAL A 289 8.22 -10.06 -0.51
C VAL A 289 7.82 -9.33 0.75
N GLY A 290 8.39 -8.12 0.94
CA GLY A 290 7.98 -7.29 2.06
C GLY A 290 7.20 -6.03 1.65
N GLN A 291 7.38 -5.58 0.41
CA GLN A 291 6.79 -4.34 -0.08
C GLN A 291 5.87 -4.58 -1.27
N MET A 292 4.68 -3.97 -1.20
CA MET A 292 3.62 -4.14 -2.18
C MET A 292 2.84 -2.83 -2.31
N PHE A 293 2.45 -2.50 -3.53
CA PHE A 293 1.58 -1.36 -3.80
C PHE A 293 0.60 -1.75 -4.89
N PHE A 294 -0.69 -1.53 -4.61
CA PHE A 294 -1.76 -1.50 -5.58
C PHE A 294 -2.12 -0.08 -5.97
N SER A 295 -2.44 0.15 -7.25
N SER A 295 -2.46 0.14 -7.25
CA SER A 295 -2.99 1.40 -7.73
CA SER A 295 -2.99 1.40 -7.74
C SER A 295 -4.21 1.07 -8.58
C SER A 295 -4.21 1.07 -8.58
N PRO A 296 -5.35 1.76 -8.40
CA PRO A 296 -5.48 2.88 -7.46
C PRO A 296 -5.75 2.50 -6.00
N ASN A 297 -5.91 1.19 -5.74
CA ASN A 297 -6.03 0.68 -4.38
C ASN A 297 -7.40 1.02 -3.81
N SER A 298 -8.44 0.89 -4.64
CA SER A 298 -9.82 1.00 -4.21
C SER A 298 -10.41 -0.41 -4.07
N ARG A 299 -11.28 -0.62 -3.07
CA ARG A 299 -11.82 -1.95 -2.83
C ARG A 299 -12.64 -2.48 -4.03
N ASN A 300 -13.23 -1.60 -4.85
CA ASN A 300 -14.07 -2.08 -5.93
C ASN A 300 -13.50 -1.68 -7.29
N VAL A 301 -12.17 -1.60 -7.41
CA VAL A 301 -11.48 -1.40 -8.68
C VAL A 301 -10.33 -2.40 -8.77
N LEU A 302 -10.37 -3.30 -9.78
CA LEU A 302 -9.21 -4.15 -10.01
C LEU A 302 -8.01 -3.25 -10.25
N PRO A 303 -6.80 -3.58 -9.77
CA PRO A 303 -5.67 -2.64 -9.81
C PRO A 303 -5.16 -2.47 -11.25
N GLY A 304 -4.90 -1.23 -11.62
CA GLY A 304 -4.24 -0.95 -12.90
C GLY A 304 -2.74 -1.28 -12.85
N LYS A 305 -2.16 -1.13 -11.66
CA LYS A 305 -0.75 -1.38 -11.40
C LYS A 305 -0.59 -2.08 -10.07
N VAL A 306 0.28 -3.10 -10.08
CA VAL A 306 0.69 -3.76 -8.86
C VAL A 306 2.22 -3.82 -8.89
N VAL A 307 2.81 -3.19 -7.88
CA VAL A 307 4.25 -3.07 -7.76
C VAL A 307 4.69 -3.79 -6.48
N PHE A 308 5.70 -4.65 -6.59
CA PHE A 308 6.29 -5.28 -5.41
C PHE A 308 7.71 -5.71 -5.68
N THR A 309 8.45 -5.98 -4.61
CA THR A 309 9.85 -6.35 -4.72
C THR A 309 10.03 -7.76 -4.18
N VAL A 310 10.63 -8.59 -5.01
CA VAL A 310 11.04 -9.92 -4.63
C VAL A 310 12.50 -9.87 -4.19
N ASP A 311 12.73 -10.28 -2.95
CA ASP A 311 14.06 -10.43 -2.38
C ASP A 311 14.46 -11.90 -2.41
N ILE A 312 15.46 -12.24 -3.21
CA ILE A 312 16.03 -13.58 -3.24
C ILE A 312 17.52 -13.52 -2.88
N ARG A 313 17.96 -14.50 -2.07
CA ARG A 313 19.35 -14.55 -1.64
C ARG A 313 19.85 -15.99 -1.61
N SER A 314 21.15 -16.13 -1.83
CA SER A 314 21.85 -17.36 -1.58
C SER A 314 23.32 -17.04 -1.38
N PRO A 315 24.04 -17.82 -0.56
CA PRO A 315 25.48 -17.73 -0.50
C PRO A 315 26.19 -18.29 -1.71
N ASP A 316 25.46 -19.11 -2.47
CA ASP A 316 25.93 -19.81 -3.66
C ASP A 316 25.53 -19.00 -4.89
N GLN A 317 26.55 -18.55 -5.64
CA GLN A 317 26.37 -17.67 -6.79
C GLN A 317 25.46 -18.31 -7.84
N ALA A 318 25.72 -19.59 -8.13
CA ALA A 318 25.02 -20.30 -9.19
C ALA A 318 23.55 -20.44 -8.81
N LYS A 319 23.31 -20.70 -7.52
CA LYS A 319 21.95 -20.83 -7.01
C LYS A 319 21.22 -19.49 -7.11
N LEU A 320 21.88 -18.41 -6.66
CA LEU A 320 21.31 -17.08 -6.74
C LEU A 320 20.92 -16.74 -8.19
N ASP A 321 21.83 -16.95 -9.13
CA ASP A 321 21.56 -16.56 -10.51
C ASP A 321 20.53 -17.49 -11.13
N GLY A 322 20.50 -18.76 -10.71
CA GLY A 322 19.49 -19.71 -11.18
C GLY A 322 18.09 -19.29 -10.72
N MET A 323 17.99 -18.86 -9.45
CA MET A 323 16.71 -18.43 -8.90
C MET A 323 16.22 -17.18 -9.63
N ARG A 324 17.13 -16.23 -9.87
CA ARG A 324 16.79 -15.02 -10.59
C ARG A 324 16.30 -15.34 -11.99
N ALA A 325 17.04 -16.18 -12.72
CA ALA A 325 16.68 -16.52 -14.09
C ALA A 325 15.33 -17.23 -14.11
N ARG A 326 15.10 -18.12 -13.15
CA ARG A 326 13.84 -18.87 -13.13
C ARG A 326 12.66 -17.93 -12.85
N ILE A 327 12.81 -17.05 -11.85
CA ILE A 327 11.77 -16.11 -11.50
C ILE A 327 11.45 -15.19 -12.69
N GLU A 328 12.49 -14.69 -13.37
CA GLU A 328 12.29 -13.76 -14.47
C GLU A 328 11.72 -14.45 -15.70
N ALA A 329 11.95 -15.76 -15.86
CA ALA A 329 11.33 -16.54 -16.92
C ALA A 329 9.88 -16.90 -16.59
N GLU A 330 9.58 -17.25 -15.34
CA GLU A 330 8.23 -17.77 -15.06
C GLU A 330 7.23 -16.63 -14.88
N ALA A 331 7.67 -15.50 -14.30
CA ALA A 331 6.72 -14.46 -13.93
C ALA A 331 5.99 -13.90 -15.15
N PRO A 332 6.66 -13.60 -16.30
CA PRO A 332 5.97 -13.12 -17.49
C PRO A 332 4.95 -14.11 -18.04
N LYS A 333 5.21 -15.43 -17.86
CA LYS A 333 4.29 -16.46 -18.33
C LYS A 333 3.03 -16.47 -17.47
N ILE A 334 3.20 -16.32 -16.16
CA ILE A 334 2.07 -16.21 -15.24
C ILE A 334 1.20 -15.03 -15.67
N CYS A 335 1.86 -13.90 -15.92
CA CYS A 335 1.14 -12.69 -16.30
C CYS A 335 0.46 -12.89 -17.66
N GLU A 336 1.17 -13.47 -18.62
CA GLU A 336 0.62 -13.57 -19.97
C GLU A 336 -0.68 -14.38 -19.93
N ARG A 337 -0.73 -15.44 -19.12
CA ARG A 337 -1.93 -16.28 -18.98
C ARG A 337 -3.13 -15.45 -18.53
N LEU A 338 -2.89 -14.33 -17.83
CA LEU A 338 -3.95 -13.50 -17.29
C LEU A 338 -4.14 -12.21 -18.09
N GLY A 339 -3.34 -12.00 -19.15
CA GLY A 339 -3.44 -10.78 -19.94
C GLY A 339 -2.75 -9.59 -19.27
N VAL A 340 -1.98 -9.87 -18.21
CA VAL A 340 -1.32 -8.86 -17.39
C VAL A 340 0.05 -8.52 -18.00
N GLY A 341 0.38 -7.23 -18.03
CA GLY A 341 1.74 -6.81 -18.39
C GLY A 341 2.74 -7.03 -17.27
N CYS A 342 3.99 -7.36 -17.63
CA CYS A 342 5.00 -7.63 -16.61
C CYS A 342 6.29 -6.89 -16.97
N SER A 343 6.77 -6.05 -16.05
CA SER A 343 8.06 -5.40 -16.18
C SER A 343 8.88 -5.66 -14.90
N ILE A 344 10.16 -5.99 -15.05
CA ILE A 344 11.00 -6.28 -13.91
C ILE A 344 12.21 -5.35 -13.96
N GLU A 345 12.50 -4.72 -12.81
CA GLU A 345 13.70 -3.92 -12.65
C GLU A 345 14.46 -4.40 -11.43
N ALA A 346 15.78 -4.63 -11.57
CA ALA A 346 16.60 -4.88 -10.39
C ALA A 346 16.84 -3.57 -9.65
N VAL A 347 16.42 -3.50 -8.38
CA VAL A 347 16.58 -2.30 -7.56
C VAL A 347 17.52 -2.59 -6.39
N GLY A 348 18.23 -3.70 -6.49
CA GLY A 348 19.30 -4.03 -5.57
C GLY A 348 19.98 -5.32 -5.99
N HIS A 349 21.30 -5.36 -5.81
CA HIS A 349 22.06 -6.54 -6.18
C HIS A 349 23.47 -6.45 -5.62
N PHE A 350 23.93 -7.56 -5.03
CA PHE A 350 25.35 -7.84 -4.95
C PHE A 350 25.55 -9.35 -4.92
N ASP A 351 26.66 -9.78 -5.51
CA ASP A 351 27.05 -11.18 -5.54
C ASP A 351 27.60 -11.56 -4.15
N PRO A 352 27.57 -12.85 -3.76
CA PRO A 352 28.12 -13.27 -2.47
C PRO A 352 29.52 -12.71 -2.26
N VAL A 353 29.80 -12.28 -1.03
CA VAL A 353 31.04 -11.61 -0.70
C VAL A 353 31.91 -12.56 0.10
N THR A 354 33.21 -12.56 -0.21
CA THR A 354 34.23 -13.19 0.62
C THR A 354 34.98 -12.11 1.37
N PHE A 355 34.96 -12.16 2.71
CA PHE A 355 35.69 -11.18 3.50
C PHE A 355 37.17 -11.51 3.48
N ASP A 356 37.98 -10.51 3.85
CA ASP A 356 39.43 -10.61 3.76
C ASP A 356 39.95 -11.68 4.71
N PRO A 357 40.61 -12.75 4.21
CA PRO A 357 41.08 -13.82 5.09
C PRO A 357 42.00 -13.42 6.23
N LYS A 358 42.92 -12.46 6.00
CA LYS A 358 43.80 -11.95 7.05
C LYS A 358 43.00 -11.30 8.18
N LEU A 359 42.00 -10.49 7.84
CA LEU A 359 41.16 -9.86 8.86
C LEU A 359 40.23 -10.85 9.54
N VAL A 360 39.75 -11.88 8.84
CA VAL A 360 39.01 -12.96 9.46
C VAL A 360 39.88 -13.62 10.54
N GLU A 361 41.15 -13.95 10.21
CA GLU A 361 42.10 -14.55 11.14
C GLU A 361 42.32 -13.64 12.34
N THR A 362 42.40 -12.33 12.09
CA THR A 362 42.57 -11.38 13.18
C THR A 362 41.37 -11.44 14.13
N VAL A 363 40.16 -11.47 13.57
CA VAL A 363 38.96 -11.55 14.38
C VAL A 363 38.95 -12.84 15.21
N ARG A 364 39.23 -13.98 14.56
CA ARG A 364 39.25 -15.26 15.25
C ARG A 364 40.30 -15.25 16.36
N GLY A 365 41.51 -14.72 16.06
CA GLY A 365 42.57 -14.62 17.06
C GLY A 365 42.18 -13.75 18.26
N ALA A 366 41.47 -12.65 18.02
CA ALA A 366 40.97 -11.80 19.09
C ALA A 366 39.99 -12.60 19.96
N ALA A 367 39.02 -13.29 19.35
CA ALA A 367 38.08 -14.09 20.12
C ALA A 367 38.82 -15.11 21.00
N GLU A 368 39.81 -15.80 20.44
CA GLU A 368 40.60 -16.79 21.17
C GLU A 368 41.42 -16.15 22.30
N LYS A 369 42.06 -15.01 22.03
CA LYS A 369 42.82 -14.29 23.06
C LYS A 369 41.93 -13.91 24.25
N LEU A 370 40.67 -13.52 23.95
CA LEU A 370 39.75 -13.05 24.96
C LEU A 370 39.06 -14.20 25.68
N GLY A 371 39.14 -15.41 25.13
CA GLY A 371 38.52 -16.57 25.75
C GLY A 371 37.03 -16.66 25.40
N TYR A 372 36.60 -16.09 24.25
CA TYR A 372 35.21 -16.20 23.85
C TYR A 372 35.03 -17.37 22.90
N SER A 373 33.88 -18.03 23.03
CA SER A 373 33.53 -19.08 22.11
C SER A 373 33.18 -18.44 20.77
N HIS A 374 33.51 -19.10 19.67
CA HIS A 374 33.30 -18.51 18.35
C HIS A 374 33.04 -19.60 17.33
N MET A 375 32.43 -19.21 16.22
CA MET A 375 32.26 -20.09 15.08
C MET A 375 32.26 -19.22 13.84
N ASN A 376 32.48 -19.83 12.68
CA ASN A 376 32.38 -19.10 11.44
C ASN A 376 30.91 -18.92 11.06
N LEU A 377 30.61 -17.79 10.41
CA LEU A 377 29.28 -17.48 9.89
C LEU A 377 29.40 -16.92 8.49
N VAL A 378 28.37 -17.21 7.71
CA VAL A 378 28.07 -16.51 6.47
C VAL A 378 26.92 -15.59 6.82
N SER A 379 27.14 -14.27 6.70
CA SER A 379 26.09 -13.30 6.96
C SER A 379 24.89 -13.52 6.05
N GLY A 380 23.71 -13.50 6.65
CA GLY A 380 22.46 -13.65 5.92
C GLY A 380 21.99 -12.33 5.32
N ALA A 381 22.28 -11.23 6.00
CA ALA A 381 21.86 -9.91 5.57
C ALA A 381 22.97 -9.21 4.81
N GLY A 382 22.59 -8.15 4.10
CA GLY A 382 23.57 -7.26 3.48
C GLY A 382 24.00 -6.17 4.46
N HIS A 383 25.23 -5.69 4.33
CA HIS A 383 25.77 -4.68 5.23
C HIS A 383 26.62 -3.73 4.42
N ASP A 384 26.88 -2.52 4.96
CA ASP A 384 27.81 -1.61 4.35
C ASP A 384 29.16 -2.28 4.09
N ALA A 385 29.55 -3.20 4.98
CA ALA A 385 30.76 -4.01 4.81
C ALA A 385 30.82 -4.68 3.44
N CYS A 386 29.66 -5.04 2.89
CA CYS A 386 29.69 -5.74 1.61
C CYS A 386 30.25 -4.84 0.51
N TRP A 387 30.00 -3.52 0.58
CA TRP A 387 30.56 -2.59 -0.38
C TRP A 387 31.97 -2.17 0.03
N ALA A 388 32.21 -2.02 1.34
CA ALA A 388 33.56 -1.72 1.78
C ALA A 388 34.55 -2.77 1.28
N ALA A 389 34.11 -4.05 1.23
CA ALA A 389 34.96 -5.15 0.78
C ALA A 389 35.46 -4.96 -0.65
N LYS A 390 34.74 -4.18 -1.46
CA LYS A 390 35.14 -3.93 -2.83
C LYS A 390 36.35 -2.98 -2.90
N VAL A 391 36.56 -2.13 -1.87
CA VAL A 391 37.58 -1.11 -1.95
C VAL A 391 38.59 -1.19 -0.81
N ALA A 392 38.45 -2.14 0.12
CA ALA A 392 39.43 -2.28 1.17
C ALA A 392 39.34 -3.65 1.80
N PRO A 393 40.43 -4.13 2.43
CA PRO A 393 40.37 -5.31 3.28
C PRO A 393 39.27 -5.10 4.33
N THR A 394 38.30 -6.01 4.36
CA THR A 394 37.08 -5.87 5.13
C THR A 394 36.71 -7.18 5.80
N THR A 395 36.21 -7.09 7.02
CA THR A 395 35.50 -8.23 7.58
C THR A 395 34.44 -7.76 8.58
N MET A 396 33.70 -8.74 9.08
CA MET A 396 32.60 -8.49 10.02
C MET A 396 32.79 -9.36 11.24
N ILE A 397 32.19 -8.90 12.33
CA ILE A 397 32.08 -9.63 13.58
C ILE A 397 30.61 -9.62 13.95
N MET A 398 30.09 -10.75 14.48
CA MET A 398 28.70 -10.81 14.89
C MET A 398 28.59 -11.30 16.33
N CYS A 399 27.56 -10.80 16.99
CA CYS A 399 27.11 -11.37 18.25
C CYS A 399 25.74 -12.00 18.01
N PRO A 400 25.24 -12.78 18.97
CA PRO A 400 23.95 -13.45 18.79
C PRO A 400 22.83 -12.41 18.89
N CYS A 401 21.65 -12.82 18.47
CA CYS A 401 20.42 -12.12 18.83
C CYS A 401 19.32 -13.13 19.06
N VAL A 402 18.38 -12.75 19.94
CA VAL A 402 17.37 -13.69 20.38
C VAL A 402 16.49 -14.15 19.22
N GLY A 403 16.48 -15.47 19.02
CA GLY A 403 15.65 -16.14 18.04
C GLY A 403 16.00 -15.75 16.61
N GLY A 404 17.14 -15.07 16.41
CA GLY A 404 17.52 -14.55 15.13
C GLY A 404 16.63 -13.40 14.65
N LEU A 405 15.81 -12.83 15.55
CA LEU A 405 14.82 -11.86 15.15
C LEU A 405 15.49 -10.50 14.93
N SER A 406 15.27 -9.93 13.74
CA SER A 406 15.69 -8.57 13.41
C SER A 406 14.69 -7.98 12.43
N HIS A 407 14.77 -6.67 12.22
CA HIS A 407 13.80 -5.91 11.45
C HIS A 407 12.43 -6.03 12.10
N ASN A 408 12.47 -6.20 13.41
CA ASN A 408 11.32 -6.28 14.28
C ASN A 408 11.71 -5.53 15.54
N GLU A 409 10.78 -4.79 16.14
CA GLU A 409 11.11 -3.97 17.31
C GLU A 409 11.52 -4.86 18.48
N ALA A 410 11.16 -6.15 18.47
CA ALA A 410 11.46 -7.07 19.57
C ALA A 410 12.89 -7.64 19.45
N GLU A 411 13.64 -7.20 18.46
CA GLU A 411 15.04 -7.57 18.35
C GLU A 411 15.74 -7.39 19.69
N ASP A 412 16.50 -8.42 20.08
CA ASP A 412 17.05 -8.40 21.43
C ASP A 412 18.42 -9.05 21.50
N ILE A 413 19.34 -8.37 22.21
CA ILE A 413 20.60 -8.95 22.66
C ILE A 413 20.76 -8.62 24.15
N SER A 414 21.69 -9.29 24.80
CA SER A 414 22.05 -8.98 26.17
C SER A 414 23.24 -8.02 26.21
N ARG A 415 23.44 -7.39 27.37
CA ARG A 415 24.59 -6.54 27.64
C ARG A 415 25.88 -7.33 27.38
N GLU A 416 25.87 -8.61 27.80
CA GLU A 416 27.04 -9.48 27.73
C GLU A 416 27.34 -9.83 26.27
N TRP A 417 26.31 -10.13 25.48
CA TRP A 417 26.52 -10.41 24.07
C TRP A 417 27.11 -9.19 23.35
N ALA A 418 26.52 -8.01 23.61
CA ALA A 418 26.97 -6.78 23.00
C ALA A 418 28.45 -6.54 23.31
N ALA A 419 28.79 -6.69 24.59
CA ALA A 419 30.12 -6.30 25.08
C ALA A 419 31.19 -7.28 24.57
N ALA A 420 30.87 -8.57 24.53
CA ALA A 420 31.87 -9.54 24.06
C ALA A 420 32.26 -9.24 22.61
N GLY A 421 31.29 -8.98 21.74
CA GLY A 421 31.61 -8.69 20.36
C GLY A 421 32.37 -7.36 20.22
N ALA A 422 32.06 -6.40 21.09
CA ALA A 422 32.75 -5.11 21.09
C ALA A 422 34.21 -5.29 21.51
N ASP A 423 34.46 -6.20 22.47
CA ASP A 423 35.81 -6.57 22.87
C ASP A 423 36.59 -7.14 21.69
N VAL A 424 35.94 -8.01 20.91
CA VAL A 424 36.60 -8.63 19.77
C VAL A 424 36.91 -7.58 18.70
N LEU A 425 35.94 -6.69 18.46
CA LEU A 425 36.14 -5.55 17.56
C LEU A 425 37.35 -4.75 18.02
N PHE A 426 37.34 -4.35 19.29
CA PHE A 426 38.40 -3.58 19.90
C PHE A 426 39.76 -4.24 19.64
N HIS A 427 39.88 -5.55 19.92
CA HIS A 427 41.18 -6.18 19.78
C HIS A 427 41.59 -6.39 18.33
N ALA A 428 40.63 -6.69 17.45
CA ALA A 428 40.92 -6.83 16.03
C ALA A 428 41.39 -5.50 15.46
N VAL A 429 40.74 -4.42 15.87
CA VAL A 429 41.09 -3.10 15.42
C VAL A 429 42.49 -2.74 15.91
N LEU A 430 42.78 -3.02 17.18
CA LEU A 430 44.09 -2.69 17.74
C LEU A 430 45.19 -3.46 17.02
N GLU A 431 44.96 -4.76 16.72
CA GLU A 431 45.96 -5.54 16.02
C GLU A 431 46.22 -4.94 14.64
N THR A 432 45.16 -4.50 13.96
CA THR A 432 45.25 -3.99 12.60
C THR A 432 45.82 -2.57 12.56
N ALA A 433 45.40 -1.73 13.51
CA ALA A 433 45.87 -0.34 13.55
C ALA A 433 47.27 -0.24 14.18
N GLU A 434 47.66 -1.25 14.98
CA GLU A 434 48.98 -1.44 15.56
C GLU A 434 49.20 -0.50 16.75
N ILE A 435 49.30 -1.09 17.96
CA ILE A 435 49.55 -0.32 19.16
C ILE A 435 50.98 0.23 19.09
N VAL A 436 51.11 1.51 19.42
CA VAL A 436 52.42 2.15 19.52
C VAL A 436 52.57 2.59 20.97
N GLU A 437 53.67 2.18 21.58
CA GLU A 437 54.00 2.53 22.96
C GLU A 437 54.34 4.03 23.09
N ASN B 28 -43.97 11.50 -26.22
CA ASN B 28 -43.61 12.16 -27.50
C ASN B 28 -42.33 12.99 -27.31
N ARG B 29 -42.32 13.80 -26.24
CA ARG B 29 -41.33 14.85 -25.99
C ARG B 29 -40.04 14.27 -25.42
N ARG B 30 -38.89 14.79 -25.88
CA ARG B 30 -37.57 14.26 -25.55
C ARG B 30 -36.80 15.30 -24.73
N VAL B 31 -35.84 14.85 -23.93
CA VAL B 31 -34.99 15.78 -23.21
C VAL B 31 -34.00 16.41 -24.19
N ASN B 32 -33.30 17.45 -23.72
CA ASN B 32 -32.33 18.14 -24.53
C ASN B 32 -31.00 17.39 -24.43
N ALA B 33 -30.68 16.61 -25.47
CA ALA B 33 -29.50 15.74 -25.46
C ALA B 33 -28.21 16.54 -25.33
N ASP B 34 -28.19 17.70 -25.99
CA ASP B 34 -27.01 18.54 -26.01
C ASP B 34 -26.77 19.20 -24.67
N ARG B 35 -27.83 19.71 -24.04
CA ARG B 35 -27.74 20.33 -22.73
C ARG B 35 -27.26 19.28 -21.71
N LEU B 36 -27.78 18.07 -21.80
CA LEU B 36 -27.35 17.02 -20.89
C LEU B 36 -25.87 16.75 -21.12
N TRP B 37 -25.48 16.56 -22.38
CA TRP B 37 -24.11 16.23 -22.70
C TRP B 37 -23.15 17.32 -22.20
N ASP B 38 -23.49 18.59 -22.47
CA ASP B 38 -22.68 19.72 -22.04
C ASP B 38 -22.49 19.72 -20.52
N SER B 39 -23.57 19.39 -19.79
CA SER B 39 -23.49 19.33 -18.33
C SER B 39 -22.53 18.26 -17.89
N LEU B 40 -22.55 17.09 -18.55
CA LEU B 40 -21.62 16.02 -18.24
C LEU B 40 -20.18 16.47 -18.52
N MET B 41 -19.96 17.19 -19.63
CA MET B 41 -18.60 17.59 -19.99
C MET B 41 -18.10 18.68 -19.02
N GLU B 42 -19.00 19.54 -18.53
CA GLU B 42 -18.63 20.58 -17.58
C GLU B 42 -18.30 19.97 -16.23
N MET B 43 -19.11 19.02 -15.77
CA MET B 43 -18.89 18.40 -14.47
C MET B 43 -17.58 17.63 -14.50
N ALA B 44 -17.25 17.01 -15.64
CA ALA B 44 -16.03 16.25 -15.82
C ALA B 44 -14.77 17.11 -15.63
N LYS B 45 -14.92 18.44 -15.75
CA LYS B 45 -13.78 19.33 -15.54
C LYS B 45 -13.42 19.44 -14.05
N ILE B 46 -14.33 19.04 -13.17
CA ILE B 46 -14.09 19.16 -11.74
C ILE B 46 -13.46 17.89 -11.21
N GLY B 47 -12.25 18.02 -10.63
CA GLY B 47 -11.53 16.88 -10.11
C GLY B 47 -11.17 15.90 -11.22
N PRO B 48 -10.43 16.39 -12.24
CA PRO B 48 -10.10 15.56 -13.40
C PRO B 48 -9.13 14.49 -12.96
N GLY B 49 -9.19 13.30 -13.57
CA GLY B 49 -8.18 12.29 -13.34
C GLY B 49 -6.98 12.51 -14.26
N VAL B 50 -6.23 11.45 -14.54
CA VAL B 50 -5.02 11.61 -15.34
C VAL B 50 -5.24 11.16 -16.78
N ALA B 51 -6.44 10.74 -17.13
CA ALA B 51 -6.66 10.11 -18.44
C ALA B 51 -8.07 10.40 -18.95
N GLY B 52 -8.61 11.60 -18.69
CA GLY B 52 -9.84 12.05 -19.32
C GLY B 52 -11.09 11.70 -18.52
N GLY B 53 -10.92 11.02 -17.38
CA GLY B 53 -11.98 10.74 -16.44
C GLY B 53 -11.84 11.64 -15.21
N ASN B 54 -12.19 11.09 -14.05
CA ASN B 54 -12.31 11.91 -12.85
C ASN B 54 -11.69 11.20 -11.66
N ASN B 55 -11.09 12.01 -10.78
CA ASN B 55 -10.70 11.61 -9.46
C ASN B 55 -11.35 12.62 -8.53
N ARG B 56 -12.66 12.48 -8.31
CA ARG B 56 -13.43 13.42 -7.52
C ARG B 56 -14.10 12.61 -6.40
N GLN B 57 -13.26 12.20 -5.44
CA GLN B 57 -13.75 11.28 -4.45
C GLN B 57 -14.56 12.01 -3.38
N THR B 58 -15.35 11.20 -2.67
CA THR B 58 -16.29 11.76 -1.71
C THR B 58 -15.53 12.60 -0.66
N LEU B 59 -16.06 13.78 -0.39
CA LEU B 59 -15.62 14.63 0.71
C LEU B 59 -14.21 15.15 0.52
N THR B 60 -13.79 15.23 -0.75
CA THR B 60 -12.61 15.98 -1.13
C THR B 60 -13.05 17.38 -1.51
N ASP B 61 -12.06 18.29 -1.63
CA ASP B 61 -12.36 19.64 -2.08
C ASP B 61 -13.02 19.59 -3.46
N ALA B 62 -12.56 18.67 -4.33
CA ALA B 62 -13.16 18.54 -5.67
C ALA B 62 -14.62 18.10 -5.57
N ASP B 63 -14.94 17.20 -4.62
CA ASP B 63 -16.33 16.84 -4.38
C ASP B 63 -17.12 18.08 -3.97
N GLY B 64 -16.58 18.90 -3.07
CA GLY B 64 -17.18 20.17 -2.69
C GLY B 64 -17.54 21.03 -3.91
N GLU B 65 -16.58 21.17 -4.81
CA GLU B 65 -16.76 22.00 -6.00
C GLU B 65 -17.86 21.41 -6.90
N GLY B 66 -17.85 20.08 -7.08
CA GLY B 66 -18.86 19.43 -7.89
C GLY B 66 -20.27 19.62 -7.31
N ARG B 67 -20.37 19.44 -5.99
CA ARG B 67 -21.63 19.66 -5.29
C ARG B 67 -22.13 21.08 -5.51
N ARG B 68 -21.21 22.06 -5.37
CA ARG B 68 -21.56 23.47 -5.53
C ARG B 68 -22.05 23.77 -6.94
N LEU B 69 -21.39 23.19 -7.94
CA LEU B 69 -21.81 23.40 -9.32
C LEU B 69 -23.20 22.81 -9.54
N PHE B 70 -23.39 21.58 -9.06
CA PHE B 70 -24.68 20.93 -9.18
C PHE B 70 -25.75 21.77 -8.49
N GLN B 71 -25.48 22.19 -7.27
CA GLN B 71 -26.41 23.05 -6.54
C GLN B 71 -26.78 24.27 -7.37
N SER B 72 -25.79 24.97 -7.93
CA SER B 72 -26.09 26.23 -8.62
C SER B 72 -26.96 25.97 -9.85
N TRP B 73 -26.70 24.88 -10.61
CA TRP B 73 -27.53 24.53 -11.74
C TRP B 73 -28.97 24.25 -11.32
N CYS B 74 -29.11 23.45 -10.26
CA CYS B 74 -30.44 23.07 -9.79
C CYS B 74 -31.20 24.30 -9.30
N GLU B 75 -30.49 25.18 -8.58
CA GLU B 75 -31.15 26.38 -8.06
C GLU B 75 -31.60 27.27 -9.23
N GLU B 76 -30.78 27.39 -10.28
CA GLU B 76 -31.16 28.15 -11.47
C GLU B 76 -32.38 27.53 -12.15
N ALA B 77 -32.58 26.21 -12.01
CA ALA B 77 -33.72 25.52 -12.61
C ALA B 77 -34.92 25.53 -11.67
N GLY B 78 -34.86 26.31 -10.58
CA GLY B 78 -36.01 26.52 -9.73
C GLY B 78 -36.16 25.50 -8.60
N LEU B 79 -35.14 24.65 -8.39
CA LEU B 79 -35.20 23.62 -7.37
C LEU B 79 -34.72 24.18 -6.03
N SER B 80 -35.35 23.72 -4.94
CA SER B 80 -34.94 24.12 -3.59
C SER B 80 -34.14 22.96 -2.97
N MET B 81 -33.15 23.31 -2.16
CA MET B 81 -32.18 22.31 -1.72
C MET B 81 -32.42 22.03 -0.24
N GLY B 82 -32.43 20.75 0.08
CA GLY B 82 -32.25 20.25 1.42
C GLY B 82 -31.02 19.34 1.48
N VAL B 83 -30.38 19.29 2.65
CA VAL B 83 -29.20 18.47 2.81
C VAL B 83 -29.34 17.75 4.16
N ASP B 84 -29.03 16.46 4.19
CA ASP B 84 -29.15 15.69 5.43
C ASP B 84 -27.80 15.62 6.12
N LYS B 85 -27.80 15.00 7.31
CA LYS B 85 -26.60 14.91 8.13
C LYS B 85 -25.54 13.99 7.53
N MET B 86 -25.82 13.33 6.39
CA MET B 86 -24.82 12.55 5.69
C MET B 86 -24.33 13.29 4.45
N GLY B 87 -24.80 14.54 4.27
CA GLY B 87 -24.42 15.37 3.14
C GLY B 87 -25.19 15.10 1.85
N THR B 88 -26.17 14.20 1.88
CA THR B 88 -26.96 13.93 0.70
C THR B 88 -27.78 15.17 0.36
N MET B 89 -27.82 15.50 -0.94
CA MET B 89 -28.46 16.70 -1.43
C MET B 89 -29.76 16.34 -2.10
N PHE B 90 -30.82 17.02 -1.69
CA PHE B 90 -32.16 16.80 -2.21
C PHE B 90 -32.69 18.07 -2.84
N LEU B 91 -32.91 18.05 -4.17
CA LEU B 91 -33.24 19.24 -4.93
C LEU B 91 -34.66 19.08 -5.46
N THR B 92 -35.60 19.82 -4.87
CA THR B 92 -37.02 19.59 -5.01
C THR B 92 -37.69 20.55 -5.98
N ARG B 93 -38.46 19.94 -6.90
CA ARG B 93 -39.42 20.62 -7.76
C ARG B 93 -40.81 20.32 -7.20
N PRO B 94 -41.61 21.34 -6.84
CA PRO B 94 -42.94 21.12 -6.28
C PRO B 94 -43.92 20.39 -7.19
N GLY B 95 -44.83 19.71 -6.53
CA GLY B 95 -45.97 19.11 -7.21
C GLY B 95 -47.19 20.01 -7.06
N THR B 96 -48.28 19.63 -7.69
CA THR B 96 -49.52 20.39 -7.57
C THR B 96 -50.34 19.95 -6.36
N ASP B 97 -50.03 18.76 -5.82
CA ASP B 97 -50.65 18.25 -4.62
C ASP B 97 -49.63 18.42 -3.49
N PRO B 98 -49.85 19.39 -2.57
CA PRO B 98 -48.83 19.70 -1.58
C PRO B 98 -48.62 18.63 -0.52
N ASP B 99 -49.47 17.56 -0.49
CA ASP B 99 -49.26 16.45 0.44
C ASP B 99 -48.72 15.19 -0.23
N ALA B 100 -48.57 15.23 -1.56
CA ALA B 100 -48.10 14.07 -2.32
C ALA B 100 -46.62 13.86 -2.03
N LEU B 101 -46.24 12.60 -1.83
CA LEU B 101 -44.84 12.27 -1.59
C LEU B 101 -44.05 12.40 -2.89
N PRO B 102 -42.75 12.66 -2.78
CA PRO B 102 -41.96 12.90 -3.97
C PRO B 102 -41.50 11.65 -4.72
N VAL B 103 -41.35 11.83 -6.03
CA VAL B 103 -40.65 10.89 -6.87
C VAL B 103 -39.21 11.37 -6.98
N HIS B 104 -38.29 10.52 -6.51
CA HIS B 104 -36.89 10.85 -6.50
C HIS B 104 -36.24 10.32 -7.76
N ILE B 105 -35.29 11.11 -8.23
CA ILE B 105 -34.32 10.70 -9.21
C ILE B 105 -32.96 10.83 -8.54
N GLY B 106 -32.28 9.71 -8.35
CA GLY B 106 -31.03 9.75 -7.57
C GLY B 106 -29.88 9.09 -8.27
N SER B 107 -28.67 9.59 -7.94
CA SER B 107 -27.44 8.87 -8.17
C SER B 107 -26.35 9.55 -7.34
N HIS B 108 -25.11 9.55 -7.80
CA HIS B 108 -24.00 10.09 -7.01
C HIS B 108 -23.07 10.89 -7.88
N LEU B 109 -22.52 12.01 -7.35
CA LEU B 109 -21.49 12.74 -8.10
C LEU B 109 -20.08 12.33 -7.69
N ASP B 110 -19.90 11.60 -6.58
CA ASP B 110 -18.57 11.17 -6.18
C ASP B 110 -18.11 10.03 -7.08
N THR B 111 -16.79 9.98 -7.32
CA THR B 111 -16.20 9.04 -8.25
C THR B 111 -15.13 8.21 -7.54
N GLN B 112 -14.74 7.12 -8.22
CA GLN B 112 -13.55 6.37 -7.91
C GLN B 112 -12.32 7.26 -8.14
N PRO B 113 -11.15 6.83 -7.64
CA PRO B 113 -9.88 7.48 -8.00
C PRO B 113 -9.60 7.44 -9.50
N THR B 114 -10.07 6.35 -10.14
CA THR B 114 -9.96 6.13 -11.56
C THR B 114 -11.36 6.16 -12.16
N GLY B 115 -12.09 7.23 -11.85
CA GLY B 115 -13.51 7.27 -12.18
C GLY B 115 -13.72 7.65 -13.63
N GLY B 116 -14.80 7.12 -14.21
CA GLY B 116 -15.32 7.62 -15.47
C GLY B 116 -16.13 8.90 -15.28
N LYS B 117 -16.43 9.56 -16.39
CA LYS B 117 -17.21 10.78 -16.41
C LYS B 117 -18.69 10.49 -16.26
N PHE B 118 -19.06 9.21 -16.37
CA PHE B 118 -20.48 8.89 -16.52
C PHE B 118 -21.10 8.13 -15.34
N ASP B 119 -20.31 7.29 -14.68
CA ASP B 119 -20.72 6.62 -13.45
C ASP B 119 -21.19 7.63 -12.42
N GLY B 120 -22.45 7.46 -12.00
CA GLY B 120 -23.09 8.31 -11.00
C GLY B 120 -23.57 9.63 -11.60
N VAL B 121 -22.65 10.32 -12.28
CA VAL B 121 -22.93 11.66 -12.79
C VAL B 121 -24.09 11.65 -13.77
N LEU B 122 -24.15 10.61 -14.63
CA LEU B 122 -25.21 10.55 -15.62
C LEU B 122 -26.59 10.62 -14.96
N GLY B 123 -26.77 9.87 -13.87
CA GLY B 123 -28.06 9.78 -13.21
C GLY B 123 -28.48 11.09 -12.54
N VAL B 124 -27.50 11.73 -11.89
CA VAL B 124 -27.79 12.99 -11.22
C VAL B 124 -28.12 14.06 -12.26
N LEU B 125 -27.26 14.19 -13.29
CA LEU B 125 -27.43 15.22 -14.28
C LEU B 125 -28.60 14.93 -15.22
N SER B 126 -28.97 13.66 -15.43
CA SER B 126 -30.20 13.34 -16.13
C SER B 126 -31.43 13.77 -15.35
N GLY B 127 -31.37 13.72 -14.00
CA GLY B 127 -32.40 14.29 -13.18
C GLY B 127 -32.57 15.80 -13.40
N LEU B 128 -31.44 16.53 -13.35
CA LEU B 128 -31.43 17.95 -13.66
C LEU B 128 -32.00 18.22 -15.05
N GLU B 129 -31.62 17.42 -16.03
CA GLU B 129 -32.14 17.61 -17.37
C GLU B 129 -33.63 17.29 -17.44
N ALA B 130 -34.11 16.24 -16.75
CA ALA B 130 -35.54 15.98 -16.72
C ALA B 130 -36.29 17.22 -16.22
N VAL B 131 -35.80 17.80 -15.13
CA VAL B 131 -36.39 18.99 -14.56
C VAL B 131 -36.33 20.16 -15.55
N ARG B 132 -35.18 20.38 -16.19
CA ARG B 132 -35.08 21.49 -17.14
C ARG B 132 -36.06 21.28 -18.30
N THR B 133 -36.24 20.03 -18.76
CA THR B 133 -37.20 19.77 -19.81
C THR B 133 -38.62 20.01 -19.32
N MET B 134 -38.94 19.62 -18.09
CA MET B 134 -40.27 19.89 -17.56
C MET B 134 -40.55 21.40 -17.51
N ASN B 135 -39.51 22.16 -17.12
CA ASN B 135 -39.58 23.62 -17.07
C ASN B 135 -39.86 24.15 -18.48
N ASP B 136 -39.06 23.66 -19.46
CA ASP B 136 -39.18 24.08 -20.85
C ASP B 136 -40.59 23.84 -21.38
N LEU B 137 -41.21 22.70 -21.02
CA LEU B 137 -42.51 22.32 -21.56
C LEU B 137 -43.66 22.82 -20.69
N GLY B 138 -43.35 23.48 -19.56
CA GLY B 138 -44.34 23.98 -18.63
C GLY B 138 -45.11 22.85 -17.94
N ILE B 139 -44.44 21.71 -17.70
CA ILE B 139 -45.09 20.53 -17.16
C ILE B 139 -45.25 20.68 -15.65
N LYS B 140 -46.46 20.35 -15.18
CA LYS B 140 -46.79 20.25 -13.77
C LYS B 140 -47.04 18.79 -13.47
N THR B 141 -46.61 18.35 -12.29
CA THR B 141 -46.85 16.98 -11.85
C THR B 141 -47.59 17.04 -10.54
N LYS B 142 -48.33 16.00 -10.24
CA LYS B 142 -49.02 15.89 -8.96
C LYS B 142 -48.01 15.73 -7.84
N HIS B 143 -47.08 14.79 -8.03
CA HIS B 143 -46.03 14.51 -7.06
C HIS B 143 -44.86 15.43 -7.32
N PRO B 144 -44.24 15.96 -6.25
CA PRO B 144 -42.98 16.68 -6.42
C PRO B 144 -41.91 15.72 -6.91
N ILE B 145 -40.91 16.30 -7.56
CA ILE B 145 -39.74 15.60 -8.05
C ILE B 145 -38.52 16.05 -7.25
N VAL B 146 -37.71 15.08 -6.84
CA VAL B 146 -36.54 15.38 -6.03
C VAL B 146 -35.31 14.73 -6.65
N VAL B 147 -34.40 15.57 -7.14
CA VAL B 147 -33.15 15.08 -7.68
C VAL B 147 -32.20 14.93 -6.51
N THR B 148 -31.64 13.73 -6.37
CA THR B 148 -30.92 13.30 -5.19
C THR B 148 -29.48 12.99 -5.56
N ASN B 149 -28.55 13.62 -4.84
CA ASN B 149 -27.12 13.29 -4.93
C ASN B 149 -26.65 12.69 -3.61
N TRP B 150 -26.52 11.36 -3.57
CA TRP B 150 -26.14 10.66 -2.34
C TRP B 150 -24.65 10.83 -2.08
N THR B 151 -24.29 10.99 -0.82
CA THR B 151 -22.88 11.01 -0.43
C THR B 151 -22.25 9.62 -0.47
N ASN B 152 -20.99 9.55 -0.94
CA ASN B 152 -20.15 8.38 -0.86
C ASN B 152 -20.86 7.12 -1.30
N GLU B 153 -21.39 7.15 -2.52
CA GLU B 153 -21.86 5.92 -3.10
C GLU B 153 -20.68 4.98 -3.31
N GLU B 154 -19.51 5.51 -3.68
CA GLU B 154 -18.51 4.66 -4.30
C GLU B 154 -17.85 3.68 -3.34
N GLY B 155 -17.67 4.06 -2.09
CA GLY B 155 -17.01 3.21 -1.11
C GLY B 155 -15.53 2.99 -1.47
N ALA B 156 -14.94 3.95 -2.18
CA ALA B 156 -13.54 3.95 -2.57
C ALA B 156 -12.70 4.49 -1.43
N ARG B 157 -13.04 5.69 -0.96
CA ARG B 157 -12.28 6.37 0.08
C ARG B 157 -12.67 5.84 1.46
N PHE B 158 -13.98 5.68 1.68
CA PHE B 158 -14.56 5.15 2.91
C PHE B 158 -15.47 4.00 2.54
N ALA B 159 -15.32 2.87 3.21
CA ALA B 159 -16.17 1.71 2.98
C ALA B 159 -17.14 1.63 4.15
N PRO B 160 -18.39 1.13 4.01
CA PRO B 160 -18.90 0.59 2.75
C PRO B 160 -19.27 1.60 1.68
N ALA B 161 -19.48 1.07 0.47
CA ALA B 161 -20.15 1.77 -0.60
C ALA B 161 -21.58 2.08 -0.14
N MET B 162 -22.22 3.01 -0.86
CA MET B 162 -23.64 3.26 -0.66
C MET B 162 -23.87 3.67 0.79
N LEU B 163 -22.97 4.49 1.32
CA LEU B 163 -22.96 4.68 2.76
C LEU B 163 -24.11 5.59 3.19
N ALA B 164 -24.35 6.69 2.45
CA ALA B 164 -25.39 7.66 2.81
C ALA B 164 -26.79 7.08 2.60
N SER B 165 -26.97 6.36 1.48
CA SER B 165 -28.25 5.72 1.20
C SER B 165 -28.47 4.61 2.21
N GLY B 166 -27.38 4.02 2.71
CA GLY B 166 -27.51 2.98 3.73
C GLY B 166 -27.97 3.53 5.08
N VAL B 167 -27.48 4.71 5.47
CA VAL B 167 -27.97 5.32 6.67
C VAL B 167 -29.43 5.72 6.44
N PHE B 168 -29.73 6.22 5.25
CA PHE B 168 -31.07 6.63 4.88
C PHE B 168 -32.04 5.47 5.07
N ALA B 169 -31.67 4.26 4.59
CA ALA B 169 -32.58 3.11 4.64
C ALA B 169 -32.51 2.39 5.98
N GLY B 170 -31.74 2.93 6.94
CA GLY B 170 -31.75 2.43 8.31
C GLY B 170 -30.80 1.24 8.50
N VAL B 171 -29.88 1.02 7.54
CA VAL B 171 -28.99 -0.12 7.61
C VAL B 171 -27.75 0.22 8.43
N HIS B 172 -27.29 1.47 8.36
CA HIS B 172 -26.14 1.91 9.14
C HIS B 172 -26.58 3.03 10.05
N THR B 173 -25.96 3.10 11.22
CA THR B 173 -26.13 4.26 12.07
C THR B 173 -25.32 5.40 11.51
N LEU B 174 -25.72 6.62 11.90
CA LEU B 174 -24.98 7.80 11.53
C LEU B 174 -23.57 7.72 12.11
N GLU B 175 -23.47 7.24 13.35
CA GLU B 175 -22.21 7.20 14.07
C GLU B 175 -21.26 6.18 13.43
N TYR B 176 -21.80 5.05 12.95
CA TYR B 176 -21.02 4.08 12.21
C TYR B 176 -20.45 4.74 10.95
N ALA B 177 -21.33 5.41 10.19
CA ALA B 177 -20.93 6.07 8.96
C ALA B 177 -19.86 7.12 9.23
N TYR B 178 -20.11 7.99 10.21
CA TYR B 178 -19.16 9.07 10.51
C TYR B 178 -17.78 8.54 10.92
N ALA B 179 -17.72 7.35 11.51
CA ALA B 179 -16.49 6.81 12.05
C ALA B 179 -15.70 6.04 10.99
N ARG B 180 -16.23 5.88 9.76
CA ARG B 180 -15.46 5.21 8.73
C ARG B 180 -14.22 6.05 8.44
N LYS B 181 -13.07 5.39 8.20
CA LYS B 181 -11.82 6.09 7.98
C LYS B 181 -11.25 5.79 6.60
N ASP B 182 -10.53 6.77 6.07
CA ASP B 182 -9.82 6.56 4.81
C ASP B 182 -8.41 6.04 5.13
N PRO B 183 -7.58 5.74 4.12
CA PRO B 183 -6.24 5.20 4.35
C PRO B 183 -5.28 6.13 5.08
N GLU B 184 -5.63 7.43 5.12
CA GLU B 184 -4.85 8.43 5.87
C GLU B 184 -5.39 8.61 7.28
N GLY B 185 -6.37 7.81 7.68
CA GLY B 185 -6.94 7.80 9.01
C GLY B 185 -7.93 8.95 9.23
N LYS B 186 -8.35 9.65 8.16
CA LYS B 186 -9.35 10.70 8.32
C LYS B 186 -10.73 10.07 8.36
N SER B 187 -11.61 10.63 9.18
CA SER B 187 -12.92 10.05 9.38
C SER B 187 -13.94 10.72 8.44
N PHE B 188 -14.92 9.93 8.00
CA PHE B 188 -15.97 10.43 7.12
C PHE B 188 -16.67 11.65 7.73
N GLY B 189 -17.04 11.58 9.01
CA GLY B 189 -17.77 12.67 9.63
C GLY B 189 -17.02 13.98 9.65
N ASP B 190 -15.73 13.91 9.95
CA ASP B 190 -14.88 15.09 10.04
C ASP B 190 -14.66 15.68 8.65
N GLU B 191 -14.50 14.83 7.63
CA GLU B 191 -14.32 15.29 6.28
C GLU B 191 -15.61 15.93 5.74
N LEU B 192 -16.77 15.39 6.11
CA LEU B 192 -18.05 15.97 5.70
C LEU B 192 -18.16 17.40 6.25
N LYS B 193 -17.80 17.53 7.52
CA LYS B 193 -17.77 18.81 8.22
C LYS B 193 -16.75 19.75 7.59
N ARG B 194 -15.55 19.21 7.27
CA ARG B 194 -14.49 20.02 6.69
C ARG B 194 -14.96 20.70 5.39
N ILE B 195 -15.58 19.94 4.46
CA ILE B 195 -15.91 20.56 3.18
C ILE B 195 -17.23 21.33 3.25
N GLY B 196 -17.91 21.29 4.41
CA GLY B 196 -19.06 22.15 4.67
C GLY B 196 -20.38 21.61 4.11
N TRP B 197 -20.52 20.27 4.05
CA TRP B 197 -21.73 19.66 3.51
C TRP B 197 -22.52 18.88 4.58
N LEU B 198 -22.22 19.15 5.83
CA LEU B 198 -23.08 18.65 6.90
C LEU B 198 -24.39 19.43 6.81
N GLY B 199 -25.47 18.71 6.52
CA GLY B 199 -26.78 19.30 6.46
C GLY B 199 -27.50 19.11 7.78
N ASP B 200 -28.72 19.62 7.87
CA ASP B 200 -29.48 19.67 9.10
C ASP B 200 -30.56 18.60 9.14
N GLU B 201 -30.94 17.98 8.01
CA GLU B 201 -32.06 17.06 8.04
C GLU B 201 -31.64 15.73 8.66
N GLU B 202 -32.56 15.11 9.42
CA GLU B 202 -32.36 13.77 9.94
C GLU B 202 -32.29 12.84 8.73
N VAL B 203 -31.34 11.93 8.76
CA VAL B 203 -31.10 11.09 7.61
C VAL B 203 -32.23 10.06 7.53
N GLY B 204 -32.85 9.97 6.36
CA GLY B 204 -33.94 9.02 6.16
C GLY B 204 -35.29 9.54 6.65
N ALA B 205 -35.38 10.81 7.05
CA ALA B 205 -36.65 11.37 7.49
C ALA B 205 -37.63 11.55 6.32
N ARG B 206 -37.10 11.67 5.10
CA ARG B 206 -37.88 11.78 3.88
C ARG B 206 -38.49 10.44 3.46
N LYS B 207 -39.80 10.46 3.17
CA LYS B 207 -40.49 9.32 2.56
C LYS B 207 -40.65 9.60 1.06
N MET B 208 -40.52 8.54 0.25
CA MET B 208 -40.52 8.68 -1.19
C MET B 208 -41.73 7.91 -1.72
N HIS B 209 -42.43 8.52 -2.69
CA HIS B 209 -43.44 7.82 -3.43
C HIS B 209 -42.79 6.73 -4.29
N ALA B 210 -41.65 7.09 -4.89
CA ALA B 210 -40.93 6.20 -5.78
C ALA B 210 -39.53 6.76 -5.98
N TYR B 211 -38.60 5.89 -6.32
CA TYR B 211 -37.22 6.25 -6.57
C TYR B 211 -36.74 5.63 -7.87
N PHE B 212 -36.22 6.48 -8.75
CA PHE B 212 -35.60 6.02 -9.99
C PHE B 212 -34.13 6.39 -9.98
N GLU B 213 -33.33 5.48 -10.50
CA GLU B 213 -31.92 5.77 -10.75
C GLU B 213 -31.53 5.27 -12.13
N TYR B 214 -31.07 6.23 -12.92
CA TYR B 214 -30.48 5.99 -14.23
C TYR B 214 -28.96 5.91 -14.09
N HIS B 215 -28.39 4.84 -14.65
CA HIS B 215 -26.96 4.57 -14.50
C HIS B 215 -26.43 3.87 -15.74
N ILE B 216 -25.17 4.11 -16.08
CA ILE B 216 -24.54 3.30 -17.10
C ILE B 216 -24.52 1.84 -16.64
N GLU B 217 -24.51 0.90 -17.59
CA GLU B 217 -24.61 -0.51 -17.27
C GLU B 217 -23.41 -0.97 -16.41
N GLN B 218 -22.22 -0.49 -16.76
CA GLN B 218 -20.98 -1.00 -16.16
C GLN B 218 -20.83 -2.48 -16.49
N GLY B 219 -21.42 -2.89 -17.59
CA GLY B 219 -21.26 -4.24 -18.08
C GLY B 219 -21.46 -4.24 -19.59
N PRO B 220 -21.10 -5.33 -20.27
CA PRO B 220 -21.04 -5.33 -21.73
C PRO B 220 -22.29 -5.75 -22.48
N ILE B 221 -23.34 -6.12 -21.74
CA ILE B 221 -24.51 -6.81 -22.31
C ILE B 221 -25.31 -5.92 -23.27
N LEU B 222 -25.66 -4.68 -22.88
CA LEU B 222 -26.51 -3.87 -23.75
C LEU B 222 -25.79 -3.59 -25.06
N GLU B 223 -24.49 -3.27 -24.95
CA GLU B 223 -23.71 -3.01 -26.13
C GLU B 223 -23.68 -4.27 -27.02
N ALA B 224 -23.39 -5.42 -26.41
CA ALA B 224 -23.19 -6.66 -27.18
C ALA B 224 -24.50 -7.14 -27.81
N GLU B 225 -25.63 -6.86 -27.15
CA GLU B 225 -26.94 -7.29 -27.62
C GLU B 225 -27.60 -6.23 -28.49
N ASN B 226 -26.93 -5.10 -28.73
CA ASN B 226 -27.45 -4.01 -29.54
C ASN B 226 -28.79 -3.51 -28.98
N LYS B 227 -28.83 -3.31 -27.66
CA LYS B 227 -30.00 -2.81 -26.96
C LYS B 227 -29.69 -1.45 -26.36
N GLN B 228 -30.65 -0.52 -26.45
CA GLN B 228 -30.41 0.85 -26.04
C GLN B 228 -30.64 1.02 -24.55
N ILE B 229 -31.59 0.25 -24.00
CA ILE B 229 -32.08 0.48 -22.66
C ILE B 229 -32.09 -0.82 -21.88
N GLY B 230 -31.51 -0.74 -20.69
CA GLY B 230 -31.55 -1.85 -19.74
C GLY B 230 -32.67 -1.63 -18.74
N VAL B 231 -33.66 -2.51 -18.79
CA VAL B 231 -34.77 -2.49 -17.86
C VAL B 231 -34.31 -3.31 -16.67
N VAL B 232 -33.85 -2.64 -15.61
CA VAL B 232 -33.17 -3.33 -14.54
C VAL B 232 -34.21 -3.96 -13.62
N THR B 233 -34.13 -5.29 -13.44
CA THR B 233 -35.13 -5.99 -12.64
C THR B 233 -34.66 -6.33 -11.24
N HIS B 234 -33.33 -6.49 -11.11
CA HIS B 234 -32.68 -7.02 -9.93
C HIS B 234 -31.31 -6.41 -9.85
N CYS B 235 -30.72 -6.50 -8.65
CA CYS B 235 -29.33 -6.14 -8.46
C CYS B 235 -28.65 -7.27 -7.70
N GLN B 236 -27.49 -7.71 -8.18
CA GLN B 236 -26.78 -8.78 -7.49
C GLN B 236 -26.29 -8.25 -6.15
N GLY B 237 -26.26 -9.14 -5.16
CA GLY B 237 -25.79 -8.84 -3.82
C GLY B 237 -24.26 -8.94 -3.73
N LEU B 238 -23.72 -8.47 -2.61
CA LEU B 238 -22.29 -8.45 -2.38
C LEU B 238 -21.97 -8.67 -0.90
N TRP B 239 -20.77 -9.18 -0.66
CA TRP B 239 -20.04 -9.07 0.59
C TRP B 239 -18.68 -8.46 0.27
N TRP B 240 -18.27 -7.47 1.07
CA TRP B 240 -16.89 -7.02 1.10
C TRP B 240 -16.32 -7.53 2.42
N LEU B 241 -15.41 -8.49 2.33
CA LEU B 241 -14.80 -9.10 3.53
C LEU B 241 -13.40 -8.57 3.65
N GLU B 242 -13.18 -7.79 4.70
CA GLU B 242 -11.85 -7.22 4.87
C GLU B 242 -11.04 -8.13 5.79
N PHE B 243 -9.94 -8.62 5.22
CA PHE B 243 -9.03 -9.48 5.94
C PHE B 243 -7.91 -8.66 6.55
N THR B 244 -7.63 -8.97 7.79
CA THR B 244 -6.43 -8.49 8.46
C THR B 244 -5.62 -9.72 8.87
N LEU B 245 -4.46 -9.87 8.23
CA LEU B 245 -3.58 -11.02 8.45
C LEU B 245 -2.39 -10.52 9.24
N THR B 246 -2.02 -11.27 10.27
CA THR B 246 -0.94 -10.90 11.15
C THR B 246 0.21 -11.86 10.89
N GLY B 247 1.32 -11.28 10.44
CA GLY B 247 2.57 -12.01 10.27
C GLY B 247 3.56 -11.56 11.32
N ARG B 248 4.81 -11.95 11.16
CA ARG B 248 5.84 -11.49 12.06
C ARG B 248 6.87 -10.72 11.24
N GLU B 249 7.06 -9.44 11.56
CA GLU B 249 8.13 -8.66 10.94
C GLU B 249 9.45 -9.36 11.20
N ALA B 250 10.22 -9.54 10.14
CA ALA B 250 11.47 -10.27 10.18
C ALA B 250 12.26 -9.90 8.94
N HIS B 251 13.57 -10.05 9.06
CA HIS B 251 14.48 -9.72 7.96
C HIS B 251 14.30 -10.71 6.81
N THR B 252 14.07 -10.20 5.60
CA THR B 252 13.83 -11.04 4.43
C THR B 252 15.12 -11.68 3.92
N GLY B 253 16.27 -11.20 4.35
CA GLY B 253 17.56 -11.79 3.99
C GLY B 253 18.00 -12.96 4.88
N SER B 254 17.98 -12.72 6.18
CA SER B 254 18.66 -13.58 7.15
C SER B 254 17.73 -14.55 7.86
N THR B 255 16.41 -14.38 7.72
CA THR B 255 15.46 -15.25 8.41
C THR B 255 15.33 -16.56 7.64
N PRO B 256 15.70 -17.72 8.20
CA PRO B 256 15.50 -19.00 7.50
C PRO B 256 14.04 -19.16 7.06
N MET B 257 13.83 -19.76 5.90
CA MET B 257 12.49 -19.93 5.35
C MET B 257 11.55 -20.58 6.37
N ASP B 258 12.05 -21.54 7.15
CA ASP B 258 11.17 -22.32 8.01
C ASP B 258 10.91 -21.58 9.33
N MET B 259 11.44 -20.36 9.50
CA MET B 259 11.13 -19.57 10.69
C MET B 259 10.26 -18.36 10.35
N ARG B 260 9.87 -18.24 9.09
CA ARG B 260 9.14 -17.08 8.62
C ARG B 260 7.65 -17.27 8.90
N VAL B 261 7.02 -16.18 9.32
CA VAL B 261 5.57 -16.11 9.44
C VAL B 261 5.11 -15.09 8.39
N ASN B 262 4.72 -15.62 7.24
CA ASN B 262 4.62 -14.86 6.00
C ASN B 262 3.17 -14.56 5.65
N ALA B 263 2.73 -13.38 6.06
CA ALA B 263 1.35 -12.98 5.87
C ALA B 263 1.11 -12.63 4.39
N GLY B 264 2.16 -12.23 3.66
CA GLY B 264 2.04 -11.96 2.25
C GLY B 264 1.71 -13.24 1.47
N LEU B 265 2.35 -14.33 1.86
CA LEU B 265 2.12 -15.62 1.21
C LEU B 265 0.73 -16.14 1.55
N ALA B 266 0.28 -15.90 2.79
CA ALA B 266 -1.07 -16.26 3.17
C ALA B 266 -2.08 -15.50 2.31
N MET B 267 -1.84 -14.19 2.13
CA MET B 267 -2.68 -13.38 1.27
C MET B 267 -2.69 -13.94 -0.17
N ALA B 268 -1.52 -14.34 -0.68
CA ALA B 268 -1.44 -14.83 -2.05
C ALA B 268 -2.29 -16.09 -2.23
N ARG B 269 -2.28 -16.95 -1.22
CA ARG B 269 -3.05 -18.18 -1.24
C ARG B 269 -4.54 -17.88 -1.12
N ILE B 270 -4.88 -16.85 -0.35
CA ILE B 270 -6.27 -16.44 -0.23
C ILE B 270 -6.76 -15.89 -1.55
N LEU B 271 -5.94 -15.11 -2.25
CA LEU B 271 -6.40 -14.53 -3.52
C LEU B 271 -6.64 -15.64 -4.52
N GLU B 272 -5.76 -16.65 -4.52
CA GLU B 272 -5.94 -17.80 -5.41
C GLU B 272 -7.23 -18.56 -5.07
N MET B 273 -7.48 -18.74 -3.78
CA MET B 273 -8.63 -19.49 -3.31
C MET B 273 -9.92 -18.74 -3.68
N VAL B 274 -9.93 -17.41 -3.57
CA VAL B 274 -11.06 -16.60 -3.99
C VAL B 274 -11.33 -16.76 -5.49
N GLN B 275 -10.27 -16.77 -6.31
CA GLN B 275 -10.42 -17.02 -7.73
C GLN B 275 -11.11 -18.38 -7.98
N THR B 276 -10.69 -19.41 -7.24
CA THR B 276 -11.28 -20.74 -7.38
C THR B 276 -12.75 -20.70 -6.99
N VAL B 277 -13.03 -20.06 -5.84
CA VAL B 277 -14.41 -20.02 -5.38
C VAL B 277 -15.28 -19.34 -6.42
N ALA B 278 -14.82 -18.20 -6.94
CA ALA B 278 -15.62 -17.50 -7.94
C ALA B 278 -15.83 -18.40 -9.16
N MET B 279 -14.77 -19.05 -9.65
CA MET B 279 -14.88 -19.83 -10.87
C MET B 279 -15.77 -21.08 -10.68
N GLU B 280 -15.76 -21.67 -9.48
CA GLU B 280 -16.57 -22.87 -9.25
C GLU B 280 -18.04 -22.50 -9.03
N ASN B 281 -18.35 -21.21 -8.97
CA ASN B 281 -19.73 -20.77 -8.80
C ASN B 281 -20.27 -20.08 -10.04
N GLN B 282 -19.59 -20.24 -11.18
CA GLN B 282 -20.11 -19.72 -12.44
C GLN B 282 -21.33 -20.50 -12.89
N PRO B 283 -22.29 -19.90 -13.65
CA PRO B 283 -22.32 -18.45 -13.90
C PRO B 283 -22.94 -17.71 -12.72
N GLY B 284 -22.83 -16.38 -12.72
CA GLY B 284 -23.53 -15.55 -11.76
C GLY B 284 -22.76 -15.43 -10.44
N ALA B 285 -21.43 -15.34 -10.54
CA ALA B 285 -20.58 -15.11 -9.38
C ALA B 285 -19.34 -14.36 -9.84
N VAL B 286 -18.89 -13.45 -8.96
CA VAL B 286 -17.60 -12.81 -9.09
C VAL B 286 -16.94 -12.80 -7.72
N GLY B 287 -15.62 -12.78 -7.76
CA GLY B 287 -14.80 -12.66 -6.56
C GLY B 287 -13.46 -12.06 -6.95
N GLY B 288 -12.94 -11.15 -6.12
CA GLY B 288 -11.69 -10.51 -6.46
C GLY B 288 -11.32 -9.43 -5.45
N VAL B 289 -10.13 -8.86 -5.63
CA VAL B 289 -9.51 -7.96 -4.67
C VAL B 289 -9.02 -6.73 -5.41
N GLY B 290 -9.35 -5.56 -4.87
CA GLY B 290 -8.87 -4.33 -5.45
C GLY B 290 -7.97 -3.54 -4.51
N GLN B 291 -8.15 -3.72 -3.22
CA GLN B 291 -7.41 -2.95 -2.22
C GLN B 291 -6.51 -3.85 -1.36
N MET B 292 -5.27 -3.41 -1.19
CA MET B 292 -4.26 -4.17 -0.46
C MET B 292 -3.33 -3.22 0.30
N PHE B 293 -2.96 -3.59 1.52
CA PHE B 293 -1.97 -2.84 2.27
C PHE B 293 -1.08 -3.83 3.00
N PHE B 294 0.24 -3.63 2.83
CA PHE B 294 1.24 -4.22 3.70
C PHE B 294 1.73 -3.21 4.75
N SER B 295 2.03 -3.68 5.97
CA SER B 295 2.71 -2.90 6.99
C SER B 295 3.86 -3.74 7.53
N PRO B 296 5.08 -3.19 7.70
CA PRO B 296 5.36 -1.76 7.45
C PRO B 296 5.66 -1.40 5.98
N ASN B 297 5.60 -2.37 5.06
CA ASN B 297 5.79 -2.16 3.63
C ASN B 297 7.20 -1.74 3.28
N SER B 298 8.19 -2.39 3.89
CA SER B 298 9.60 -2.22 3.57
C SER B 298 10.04 -3.42 2.74
N ARG B 299 10.95 -3.20 1.80
CA ARG B 299 11.32 -4.26 0.86
C ARG B 299 12.01 -5.43 1.59
N ASN B 300 12.66 -5.17 2.72
CA ASN B 300 13.39 -6.21 3.42
C ASN B 300 12.82 -6.50 4.80
N VAL B 301 11.51 -6.32 4.96
CA VAL B 301 10.81 -6.69 6.20
C VAL B 301 9.56 -7.46 5.81
N LEU B 302 9.47 -8.73 6.24
CA LEU B 302 8.23 -9.44 6.03
C LEU B 302 7.11 -8.68 6.73
N PRO B 303 5.89 -8.58 6.15
CA PRO B 303 4.86 -7.70 6.71
C PRO B 303 4.34 -8.21 8.04
N GLY B 304 4.22 -7.30 9.01
CA GLY B 304 3.54 -7.62 10.25
C GLY B 304 2.03 -7.72 10.09
N LYS B 305 1.50 -6.98 9.11
CA LYS B 305 0.06 -6.88 8.85
C LYS B 305 -0.14 -6.80 7.34
N VAL B 306 -1.10 -7.58 6.85
CA VAL B 306 -1.55 -7.50 5.48
C VAL B 306 -3.08 -7.38 5.50
N VAL B 307 -3.57 -6.27 4.95
CA VAL B 307 -4.99 -5.96 4.95
C VAL B 307 -5.46 -5.87 3.50
N PHE B 308 -6.56 -6.58 3.20
CA PHE B 308 -7.17 -6.47 1.88
C PHE B 308 -8.64 -6.82 1.95
N THR B 309 -9.37 -6.46 0.89
CA THR B 309 -10.81 -6.70 0.87
C THR B 309 -11.15 -7.62 -0.29
N VAL B 310 -11.85 -8.68 0.05
CA VAL B 310 -12.41 -9.59 -0.94
C VAL B 310 -13.84 -9.16 -1.25
N ASP B 311 -14.07 -8.85 -2.51
CA ASP B 311 -15.38 -8.51 -3.04
C ASP B 311 -15.97 -9.73 -3.74
N ILE B 312 -17.04 -10.29 -3.18
CA ILE B 312 -17.73 -11.42 -3.80
C ILE B 312 -19.20 -11.03 -4.03
N ARG B 313 -19.73 -11.42 -5.19
CA ARG B 313 -21.09 -11.05 -5.57
C ARG B 313 -21.76 -12.20 -6.29
N SER B 314 -23.10 -12.25 -6.16
CA SER B 314 -23.93 -13.14 -6.94
C SER B 314 -25.36 -12.60 -6.87
N PRO B 315 -26.14 -12.77 -7.94
CA PRO B 315 -27.58 -12.51 -7.89
C PRO B 315 -28.35 -13.57 -7.13
N ASP B 316 -27.70 -14.71 -6.86
CA ASP B 316 -28.29 -15.86 -6.18
C ASP B 316 -27.87 -15.81 -4.71
N GLN B 317 -28.87 -15.66 -3.83
CA GLN B 317 -28.67 -15.50 -2.40
C GLN B 317 -27.84 -16.64 -1.81
N ALA B 318 -28.26 -17.86 -2.15
CA ALA B 318 -27.68 -19.05 -1.58
C ALA B 318 -26.23 -19.18 -2.05
N LYS B 319 -25.97 -18.82 -3.30
CA LYS B 319 -24.64 -18.84 -3.84
C LYS B 319 -23.77 -17.80 -3.14
N LEU B 320 -24.28 -16.57 -3.00
CA LEU B 320 -23.54 -15.52 -2.30
C LEU B 320 -23.16 -15.98 -0.88
N ASP B 321 -24.12 -16.51 -0.13
CA ASP B 321 -23.84 -16.89 1.24
C ASP B 321 -22.93 -18.12 1.29
N GLY B 322 -23.03 -19.03 0.30
CA GLY B 322 -22.14 -20.17 0.23
C GLY B 322 -20.69 -19.76 -0.04
N MET B 323 -20.51 -18.78 -0.91
CA MET B 323 -19.18 -18.26 -1.23
C MET B 323 -18.57 -17.61 0.01
N ARG B 324 -19.39 -16.83 0.72
CA ARG B 324 -18.93 -16.16 1.92
C ARG B 324 -18.50 -17.18 2.97
N ALA B 325 -19.36 -18.17 3.21
CA ALA B 325 -19.09 -19.20 4.22
C ALA B 325 -17.81 -19.96 3.85
N ARG B 326 -17.63 -20.28 2.56
CA ARG B 326 -16.50 -21.06 2.12
C ARG B 326 -15.22 -20.25 2.29
N ILE B 327 -15.23 -18.99 1.90
CA ILE B 327 -14.05 -18.16 2.02
C ILE B 327 -13.68 -17.97 3.48
N GLU B 328 -14.68 -17.78 4.33
CA GLU B 328 -14.42 -17.52 5.74
C GLU B 328 -13.97 -18.80 6.45
N ALA B 329 -14.34 -19.99 5.96
CA ALA B 329 -13.82 -21.23 6.50
C ALA B 329 -12.42 -21.55 5.95
N GLU B 330 -12.13 -21.27 4.68
CA GLU B 330 -10.88 -21.76 4.10
C GLU B 330 -9.72 -20.82 4.44
N ALA B 331 -9.99 -19.51 4.45
CA ALA B 331 -8.92 -18.52 4.62
C ALA B 331 -8.17 -18.71 5.94
N PRO B 332 -8.83 -18.93 7.10
CA PRO B 332 -8.11 -19.15 8.34
C PRO B 332 -7.23 -20.39 8.35
N LYS B 333 -7.64 -21.41 7.60
CA LYS B 333 -6.85 -22.64 7.49
C LYS B 333 -5.58 -22.39 6.69
N ILE B 334 -5.69 -21.60 5.61
CA ILE B 334 -4.52 -21.18 4.83
C ILE B 334 -3.56 -20.47 5.79
N CYS B 335 -4.09 -19.54 6.58
CA CYS B 335 -3.26 -18.77 7.48
C CYS B 335 -2.64 -19.68 8.55
N GLU B 336 -3.44 -20.57 9.13
CA GLU B 336 -2.97 -21.37 10.26
C GLU B 336 -1.76 -22.21 9.81
N ARG B 337 -1.81 -22.74 8.58
CA ARG B 337 -0.70 -23.52 8.02
C ARG B 337 0.59 -22.72 7.96
N LEU B 338 0.49 -21.39 7.94
CA LEU B 338 1.66 -20.53 7.83
C LEU B 338 1.97 -19.82 9.14
N GLY B 339 1.23 -20.11 10.21
CA GLY B 339 1.43 -19.45 11.49
C GLY B 339 0.86 -18.02 11.53
N VAL B 340 0.07 -17.66 10.51
CA VAL B 340 -0.40 -16.31 10.28
C VAL B 340 -1.75 -16.15 10.99
N GLY B 341 -1.93 -15.02 11.68
CA GLY B 341 -3.21 -14.69 12.28
C GLY B 341 -4.20 -14.19 11.23
N CYS B 342 -5.48 -14.51 11.42
CA CYS B 342 -6.51 -14.15 10.44
C CYS B 342 -7.69 -13.54 11.18
N SER B 343 -8.07 -12.33 10.78
CA SER B 343 -9.27 -11.69 11.26
C SER B 343 -10.07 -11.18 10.06
N ILE B 344 -11.39 -11.38 10.06
CA ILE B 344 -12.24 -10.96 8.96
C ILE B 344 -13.30 -10.02 9.50
N GLU B 345 -13.51 -8.91 8.80
CA GLU B 345 -14.60 -8.00 9.10
C GLU B 345 -15.38 -7.74 7.82
N ALA B 346 -16.72 -7.88 7.88
CA ALA B 346 -17.58 -7.43 6.79
C ALA B 346 -17.61 -5.90 6.78
N VAL B 347 -17.13 -5.27 5.69
CA VAL B 347 -17.14 -3.82 5.59
C VAL B 347 -18.08 -3.39 4.47
N GLY B 348 -18.90 -4.34 3.99
CA GLY B 348 -19.91 -4.04 3.00
C GLY B 348 -20.78 -5.26 2.78
N HIS B 349 -22.09 -5.03 2.61
CA HIS B 349 -23.00 -6.13 2.37
C HIS B 349 -24.37 -5.61 1.97
N PHE B 350 -24.96 -6.24 0.94
CA PHE B 350 -26.41 -6.26 0.77
C PHE B 350 -26.76 -7.53 0.01
N ASP B 351 -27.94 -8.07 0.32
CA ASP B 351 -28.47 -9.26 -0.32
C ASP B 351 -29.01 -8.86 -1.69
N PRO B 352 -29.11 -9.78 -2.67
CA PRO B 352 -29.66 -9.45 -3.97
C PRO B 352 -31.00 -8.73 -3.84
N VAL B 353 -31.18 -7.74 -4.71
CA VAL B 353 -32.33 -6.87 -4.64
C VAL B 353 -33.27 -7.19 -5.79
N THR B 354 -34.58 -7.21 -5.49
CA THR B 354 -35.61 -7.21 -6.50
C THR B 354 -36.22 -5.81 -6.57
N PHE B 355 -36.13 -5.16 -7.73
CA PHE B 355 -36.73 -3.84 -7.91
C PHE B 355 -38.24 -3.97 -8.01
N ASP B 356 -38.90 -2.85 -7.77
CA ASP B 356 -40.36 -2.78 -7.73
C ASP B 356 -40.95 -3.16 -9.09
N PRO B 357 -41.71 -4.27 -9.17
CA PRO B 357 -42.15 -4.74 -10.48
C PRO B 357 -43.01 -3.74 -11.27
N LYS B 358 -43.85 -2.94 -10.59
CA LYS B 358 -44.65 -1.92 -11.28
C LYS B 358 -43.77 -0.86 -11.94
N LEU B 359 -42.73 -0.38 -11.21
CA LEU B 359 -41.83 0.61 -11.79
C LEU B 359 -40.97 0.01 -12.90
N VAL B 360 -40.58 -1.27 -12.80
CA VAL B 360 -39.92 -1.95 -13.90
C VAL B 360 -40.80 -1.87 -15.15
N GLU B 361 -42.11 -2.18 -15.02
CA GLU B 361 -43.03 -2.10 -16.14
C GLU B 361 -43.18 -0.66 -16.66
N THR B 362 -43.15 0.33 -15.79
CA THR B 362 -43.18 1.72 -16.20
C THR B 362 -41.96 2.05 -17.06
N VAL B 363 -40.78 1.59 -16.65
CA VAL B 363 -39.57 1.80 -17.44
C VAL B 363 -39.70 1.15 -18.81
N ARG B 364 -40.14 -0.10 -18.84
CA ARG B 364 -40.34 -0.81 -20.10
C ARG B 364 -41.33 -0.06 -20.99
N GLY B 365 -42.45 0.40 -20.43
CA GLY B 365 -43.44 1.15 -21.20
C GLY B 365 -42.92 2.46 -21.76
N ALA B 366 -42.06 3.16 -20.97
CA ALA B 366 -41.41 4.36 -21.46
C ALA B 366 -40.51 4.04 -22.66
N ALA B 367 -39.68 3.00 -22.53
CA ALA B 367 -38.82 2.60 -23.65
C ALA B 367 -39.67 2.30 -24.90
N GLU B 368 -40.79 1.59 -24.72
CA GLU B 368 -41.66 1.22 -25.84
C GLU B 368 -42.30 2.44 -26.48
N LYS B 369 -42.84 3.36 -25.66
CA LYS B 369 -43.44 4.60 -26.13
C LYS B 369 -42.44 5.42 -26.95
N LEU B 370 -41.16 5.40 -26.55
CA LEU B 370 -40.13 6.22 -27.17
C LEU B 370 -39.50 5.52 -28.36
N GLY B 371 -39.73 4.21 -28.51
CA GLY B 371 -39.20 3.47 -29.65
C GLY B 371 -37.75 3.02 -29.45
N TYR B 372 -37.34 2.83 -28.19
CA TYR B 372 -36.00 2.36 -27.92
C TYR B 372 -36.01 0.87 -27.65
N SER B 373 -34.98 0.18 -28.15
CA SER B 373 -34.81 -1.23 -27.91
C SER B 373 -34.45 -1.44 -26.44
N HIS B 374 -34.93 -2.52 -25.85
CA HIS B 374 -34.71 -2.76 -24.44
C HIS B 374 -34.56 -4.25 -24.15
N MET B 375 -33.98 -4.56 -23.00
CA MET B 375 -33.95 -5.91 -22.49
C MET B 375 -33.90 -5.81 -20.97
N ASN B 376 -34.31 -6.88 -20.31
CA ASN B 376 -34.10 -6.95 -18.87
C ASN B 376 -32.63 -7.17 -18.50
N LEU B 377 -32.21 -6.55 -17.38
CA LEU B 377 -30.86 -6.72 -16.84
C LEU B 377 -30.93 -6.95 -15.33
N VAL B 378 -29.96 -7.69 -14.83
CA VAL B 378 -29.62 -7.71 -13.43
C VAL B 378 -28.39 -6.84 -13.28
N SER B 379 -28.47 -5.77 -12.49
CA SER B 379 -27.32 -4.93 -12.22
C SER B 379 -26.18 -5.74 -11.60
N GLY B 380 -24.98 -5.58 -12.16
CA GLY B 380 -23.79 -6.19 -11.61
C GLY B 380 -23.21 -5.40 -10.43
N ALA B 381 -23.35 -4.07 -10.47
CA ALA B 381 -22.79 -3.22 -9.43
C ALA B 381 -23.86 -2.88 -8.40
N GLY B 382 -23.38 -2.37 -7.26
CA GLY B 382 -24.25 -1.85 -6.23
C GLY B 382 -24.53 -0.37 -6.50
N HIS B 383 -25.71 0.08 -6.14
CA HIS B 383 -26.13 1.45 -6.37
C HIS B 383 -26.92 1.91 -5.18
N ASP B 384 -27.07 3.25 -5.04
CA ASP B 384 -27.92 3.79 -3.99
C ASP B 384 -29.35 3.27 -4.12
N ALA B 385 -29.79 3.00 -5.34
CA ALA B 385 -31.09 2.39 -5.58
C ALA B 385 -31.31 1.11 -4.77
N CYS B 386 -30.22 0.36 -4.50
CA CYS B 386 -30.37 -0.89 -3.78
C CYS B 386 -30.86 -0.64 -2.36
N TRP B 387 -30.46 0.47 -1.73
CA TRP B 387 -30.97 0.80 -0.42
C TRP B 387 -32.30 1.53 -0.49
N ALA B 388 -32.48 2.38 -1.50
CA ALA B 388 -33.76 3.04 -1.68
C ALA B 388 -34.87 1.97 -1.77
N ALA B 389 -34.55 0.84 -2.42
CA ALA B 389 -35.52 -0.26 -2.61
C ALA B 389 -36.02 -0.81 -1.28
N LYS B 390 -35.26 -0.67 -0.20
CA LYS B 390 -35.68 -1.15 1.11
C LYS B 390 -36.80 -0.26 1.68
N VAL B 391 -36.91 1.01 1.28
CA VAL B 391 -37.84 1.95 1.91
C VAL B 391 -38.83 2.58 0.94
N ALA B 392 -38.73 2.28 -0.35
CA ALA B 392 -39.67 2.84 -1.31
C ALA B 392 -39.69 2.01 -2.57
N PRO B 393 -40.78 2.08 -3.35
CA PRO B 393 -40.80 1.52 -4.70
C PRO B 393 -39.65 2.14 -5.49
N THR B 394 -38.78 1.29 -6.03
CA THR B 394 -37.51 1.67 -6.63
C THR B 394 -37.25 0.86 -7.87
N THR B 395 -36.71 1.52 -8.92
CA THR B 395 -36.10 0.74 -9.97
C THR B 395 -34.97 1.53 -10.61
N MET B 396 -34.31 0.88 -11.56
CA MET B 396 -33.18 1.44 -12.28
C MET B 396 -33.41 1.36 -13.78
N ILE B 397 -32.74 2.26 -14.47
CA ILE B 397 -32.68 2.29 -15.92
C ILE B 397 -31.19 2.32 -16.26
N MET B 398 -30.79 1.53 -17.27
CA MET B 398 -29.40 1.57 -17.71
C MET B 398 -29.31 1.90 -19.20
N CYS B 399 -28.21 2.54 -19.55
CA CYS B 399 -27.77 2.65 -20.93
C CYS B 399 -26.50 1.82 -21.06
N PRO B 400 -26.05 1.55 -22.31
CA PRO B 400 -24.84 0.75 -22.51
C PRO B 400 -23.62 1.57 -22.11
N CYS B 401 -22.50 0.87 -21.96
CA CYS B 401 -21.20 1.52 -21.98
C CYS B 401 -20.22 0.64 -22.75
N VAL B 402 -19.24 1.30 -23.35
CA VAL B 402 -18.31 0.63 -24.25
C VAL B 402 -17.52 -0.44 -23.50
N GLY B 403 -17.66 -1.70 -23.97
CA GLY B 403 -16.91 -2.84 -23.49
C GLY B 403 -17.28 -3.22 -22.04
N GLY B 404 -18.35 -2.64 -21.53
CA GLY B 404 -18.72 -2.78 -20.14
C GLY B 404 -17.74 -2.14 -19.17
N LEU B 405 -16.86 -1.27 -19.67
CA LEU B 405 -15.78 -0.72 -18.88
C LEU B 405 -16.30 0.37 -17.93
N SER B 406 -16.06 0.20 -16.62
CA SER B 406 -16.35 1.22 -15.62
C SER B 406 -15.31 1.12 -14.50
N HIS B 407 -15.26 2.14 -13.63
CA HIS B 407 -14.22 2.30 -12.62
C HIS B 407 -12.86 2.38 -13.32
N ASN B 408 -12.90 2.94 -14.52
CA ASN B 408 -11.72 3.17 -15.35
C ASN B 408 -11.97 4.52 -16.00
N GLU B 409 -10.93 5.35 -16.15
CA GLU B 409 -11.16 6.67 -16.70
C GLU B 409 -11.62 6.60 -18.18
N ALA B 410 -11.37 5.45 -18.84
CA ALA B 410 -11.76 5.27 -20.25
C ALA B 410 -13.24 4.91 -20.42
N GLU B 411 -13.98 4.80 -19.31
CA GLU B 411 -15.41 4.60 -19.35
C GLU B 411 -16.03 5.52 -20.40
N ASP B 412 -16.88 4.91 -21.25
CA ASP B 412 -17.35 5.68 -22.39
C ASP B 412 -18.78 5.30 -22.77
N ILE B 413 -19.58 6.35 -22.99
CA ILE B 413 -20.88 6.25 -23.62
C ILE B 413 -20.95 7.33 -24.71
N SER B 414 -21.90 7.19 -25.62
CA SER B 414 -22.19 8.21 -26.62
C SER B 414 -23.26 9.18 -26.12
N ARG B 415 -23.34 10.33 -26.80
CA ARG B 415 -24.38 11.31 -26.59
C ARG B 415 -25.76 10.66 -26.75
N GLU B 416 -25.87 9.76 -27.75
CA GLU B 416 -27.13 9.10 -28.10
C GLU B 416 -27.53 8.11 -27.00
N TRP B 417 -26.57 7.34 -26.48
CA TRP B 417 -26.84 6.43 -25.39
C TRP B 417 -27.32 7.19 -24.16
N ALA B 418 -26.63 8.28 -23.83
CA ALA B 418 -26.92 9.06 -22.64
C ALA B 418 -28.34 9.59 -22.72
N ALA B 419 -28.64 10.21 -23.86
CA ALA B 419 -29.91 10.85 -24.12
C ALA B 419 -31.07 9.86 -24.08
N ALA B 420 -30.91 8.70 -24.72
CA ALA B 420 -32.00 7.76 -24.79
C ALA B 420 -32.42 7.33 -23.39
N GLY B 421 -31.45 6.97 -22.53
CA GLY B 421 -31.80 6.58 -21.18
C GLY B 421 -32.40 7.73 -20.37
N ALA B 422 -31.94 8.96 -20.62
CA ALA B 422 -32.49 10.13 -19.95
C ALA B 422 -33.94 10.38 -20.37
N ASP B 423 -34.25 10.09 -21.66
CA ASP B 423 -35.61 10.18 -22.17
C ASP B 423 -36.51 9.20 -21.44
N VAL B 424 -36.00 7.98 -21.24
CA VAL B 424 -36.76 6.94 -20.57
C VAL B 424 -36.99 7.30 -19.11
N LEU B 425 -35.95 7.82 -18.47
CA LEU B 425 -36.05 8.31 -17.10
C LEU B 425 -37.14 9.37 -17.03
N PHE B 426 -37.05 10.35 -17.91
CA PHE B 426 -38.01 11.46 -17.97
C PHE B 426 -39.44 10.92 -18.07
N HIS B 427 -39.68 10.00 -19.00
CA HIS B 427 -41.05 9.53 -19.19
C HIS B 427 -41.51 8.62 -18.05
N ALA B 428 -40.59 7.82 -17.48
CA ALA B 428 -40.94 6.95 -16.37
C ALA B 428 -41.32 7.82 -15.17
N VAL B 429 -40.55 8.89 -14.97
CA VAL B 429 -40.82 9.79 -13.86
C VAL B 429 -42.15 10.50 -14.07
N LEU B 430 -42.42 10.99 -15.28
CA LEU B 430 -43.65 11.69 -15.56
C LEU B 430 -44.85 10.77 -15.34
N GLU B 431 -44.76 9.52 -15.79
CA GLU B 431 -45.86 8.59 -15.59
C GLU B 431 -46.11 8.38 -14.09
N THR B 432 -45.04 8.28 -13.31
CA THR B 432 -45.14 8.02 -11.88
C THR B 432 -45.57 9.26 -11.09
N ALA B 433 -45.02 10.42 -11.45
CA ALA B 433 -45.32 11.65 -10.74
C ALA B 433 -46.67 12.23 -11.18
N GLU B 434 -47.15 11.84 -12.39
CA GLU B 434 -48.48 12.13 -12.96
C GLU B 434 -48.56 13.56 -13.46
N ILE B 435 -48.60 13.71 -14.78
CA ILE B 435 -48.73 15.01 -15.41
C ILE B 435 -50.12 15.57 -15.10
N VAL B 436 -50.14 16.83 -14.65
CA VAL B 436 -51.37 17.53 -14.35
C VAL B 436 -51.41 18.72 -15.30
N GLU B 437 -52.55 18.95 -15.97
CA GLU B 437 -52.66 20.10 -16.85
C GLU B 437 -52.85 21.35 -15.99
ZN ZN C . 22.24 -3.43 9.75
FE FE D . 22.17 -3.42 9.77
ZN ZN E . 18.69 -3.77 9.14
FE FE F . 18.70 -3.69 9.16
N ORD G . 19.82 -3.73 4.05
CA ORD G . 19.77 -5.02 4.75
CB ORD G . 20.89 -5.14 5.76
CG ORD G . 20.42 -5.73 7.09
CD ORD G . 20.99 -5.11 8.35
NE ORD G . 20.62 -3.71 8.49
O ORD G . 20.14 -7.08 3.70
OXT ORD G . 18.29 -6.15 3.33
C ORD G . 19.37 -6.18 3.83
C ACT H . 32.94 -7.26 28.66
O ACT H . 32.80 -8.35 28.08
OXT ACT H . 33.66 -6.32 28.22
CH3 ACT H . 32.22 -7.06 29.99
C1 GOL I . 45.74 -7.48 19.96
O1 GOL I . 45.00 -7.67 21.17
C2 GOL I . 46.51 -6.18 19.93
O2 GOL I . 47.62 -6.25 19.04
C3 GOL I . 47.03 -5.77 21.30
O3 GOL I . 47.78 -6.82 21.89
ZN ZN J . -22.37 4.51 -9.69
FE FE K . -22.32 4.52 -9.71
ZN ZN L . -18.92 3.47 -9.40
FE FE M . -18.97 3.57 -9.38
N ORD N . -19.91 1.27 -5.49
CA ORD N . -20.28 0.21 -6.44
CB ORD N . -21.51 0.44 -7.28
CG ORD N . -21.19 0.95 -8.67
CD ORD N . -20.78 2.39 -8.48
NE ORD N . -20.93 3.15 -9.68
O ORD N . -18.96 -1.56 -5.61
OXT ORD N . -20.93 -1.98 -6.29
C ORD N . -20.04 -1.23 -6.03
C ACT O . -24.95 23.46 3.05
O ACT O . -24.73 22.54 3.91
OXT ACT O . -25.85 24.31 3.16
CH3 ACT O . -24.06 23.62 1.82
C ACT P . 7.79 -20.63 4.72
O ACT P . 8.37 -21.47 4.04
OXT ACT P . 8.17 -19.45 4.79
CH3 ACT P . 6.54 -21.05 5.54
C1 GOL Q . -7.41 -24.38 0.30
O1 GOL Q . -8.20 -23.22 0.52
C2 GOL Q . -6.49 -24.18 -0.88
O2 GOL Q . -6.94 -23.07 -1.67
C3 GOL Q . -6.35 -25.43 -1.73
O3 GOL Q . -6.25 -26.60 -0.91
C1 GOL R . -8.06 6.08 -3.93
O1 GOL R . -7.15 7.15 -3.71
C2 GOL R . -8.50 5.44 -2.63
O2 GOL R . -9.33 6.36 -1.92
C3 GOL R . -7.33 4.99 -1.80
O3 GOL R . -7.72 3.99 -0.87
#